data_2ZPK
#
_entry.id   2ZPK
#
_cell.length_a   40.045
_cell.length_b   65.271
_cell.length_c   85.030
_cell.angle_alpha   99.93
_cell.angle_beta   93.50
_cell.angle_gamma   96.46
#
_symmetry.space_group_name_H-M   'P 1'
#
loop_
_entity.id
_entity.type
_entity.pdbx_description
1 polymer 'IgG1-lambda P20.1 Fab (light chain)'
2 polymer 'IgG1-lambda P20.1 Fab (heavy chain)'
3 polymer 'Proteinase-activated receptor 4'
4 non-polymer GLYCEROL
5 water water
#
loop_
_entity_poly.entity_id
_entity_poly.type
_entity_poly.pdbx_seq_one_letter_code
_entity_poly.pdbx_strand_id
1 'polypeptide(L)'
;(PCA)TVVTQESALTTSPGETVTLTCRSSTGAVTTSNYANWVQEKPDHLFTGLIVGTNNRVPGVPPRFSGSLIGDKAALT
ITGAQTEDEAIYFCALWYSNHWVFGGGTKLTVLGQPKSSPSVTLFPPSSEELETNKATLVCTITDFYPGVVTVDWKVDGT
PVTQGMETTQPSKQSNNKYMASSYLTLTARAWERHSSYSCQVTHEGHTVEKSLSRA
;
L,M
2 'polypeptide(L)'
;(PCA)IQLVQSGPEVQKPGETVRISCKASGYTFTTAGMQWVQKMPGKSLKWIGWINTRSGVPKYAEDFKGRFAFSLETSA
SIAYLHINNLKNEDTATYFCAREGPGFVYWGQGTLVTVSAAKTTPPSVYPLAPGSAAQTNSMVTLGCLVKGYFPEPVTVT
WNSGSLSSGVHTFPAVLQSDLYTLSSSVTVPSSTWPSETVTCNVAHPASSTKVDKKIVPR
;
H,I
3 'polypeptide(L)' PRGYPGQV P,Q
#
loop_
_chem_comp.id
_chem_comp.type
_chem_comp.name
_chem_comp.formula
GOL non-polymer GLYCEROL 'C3 H8 O3'
#
# COMPACT_ATOMS: atom_id res chain seq x y z
N PCA A 1 21.38 4.05 15.87
CA PCA A 1 20.12 4.35 16.54
CB PCA A 1 19.99 5.86 16.72
CG PCA A 1 20.89 6.50 15.68
CD PCA A 1 21.76 5.33 15.30
OE PCA A 1 22.76 5.48 14.60
C PCA A 1 18.94 3.85 15.74
O PCA A 1 19.02 3.79 14.50
N THR A 2 17.84 3.54 16.41
CA THR A 2 16.60 3.20 15.71
C THR A 2 15.98 4.49 15.20
N VAL A 3 15.95 4.63 13.88
CA VAL A 3 15.37 5.82 13.28
C VAL A 3 14.16 5.36 12.49
N VAL A 4 12.99 5.94 12.78
CA VAL A 4 11.75 5.62 12.09
C VAL A 4 11.42 6.74 11.12
N THR A 5 11.25 6.40 9.84
CA THR A 5 11.07 7.43 8.82
CA THR A 5 11.13 7.38 8.76
C THR A 5 9.75 7.28 8.09
N GLN A 6 9.18 8.43 7.73
CA GLN A 6 7.91 8.52 7.01
C GLN A 6 8.10 9.52 5.87
N GLU A 7 7.21 9.48 4.87
CA GLU A 7 7.17 10.49 3.80
C GLU A 7 7.01 11.85 4.48
N SER A 8 7.75 12.86 4.04
N SER A 8 7.74 12.87 4.04
CA SER A 8 7.57 14.19 4.62
CA SER A 8 7.57 14.20 4.66
C SER A 8 6.17 14.75 4.40
C SER A 8 6.21 14.84 4.38
N ALA A 9 5.69 14.66 3.16
CA ALA A 9 4.41 15.24 2.79
C ALA A 9 3.82 14.53 1.58
N LEU A 10 2.49 14.42 1.54
CA LEU A 10 1.80 13.81 0.40
C LEU A 10 0.58 14.66 0.09
N THR A 11 0.21 14.79 -1.20
CA THR A 11 -0.97 15.58 -1.54
C THR A 11 -1.90 14.71 -2.37
N THR A 12 -3.20 14.80 -2.09
CA THR A 12 -4.20 14.03 -2.83
C THR A 12 -5.47 14.84 -3.03
N SER A 13 -6.26 14.50 -4.06
CA SER A 13 -7.64 14.98 -4.17
C SER A 13 -8.53 14.04 -3.37
N PRO A 14 -9.69 14.54 -2.94
CA PRO A 14 -10.64 13.67 -2.26
C PRO A 14 -10.99 12.46 -3.13
N GLY A 15 -11.23 11.34 -2.47
CA GLY A 15 -11.72 10.12 -3.14
C GLY A 15 -10.65 9.09 -3.51
N GLU A 16 -9.40 9.53 -3.55
CA GLU A 16 -8.28 8.65 -3.92
C GLU A 16 -7.90 7.71 -2.78
N THR A 17 -7.25 6.59 -3.12
CA THR A 17 -6.64 5.75 -2.09
C THR A 17 -5.23 6.29 -1.82
N VAL A 18 -4.94 6.66 -0.58
N VAL A 18 -4.95 6.56 -0.55
CA VAL A 18 -3.59 7.13 -0.25
CA VAL A 18 -3.69 7.14 -0.11
C VAL A 18 -2.96 6.23 0.81
C VAL A 18 -3.00 6.07 0.73
N THR A 19 -1.68 5.95 0.61
CA THR A 19 -0.96 4.99 1.44
C THR A 19 0.24 5.72 2.00
N LEU A 20 0.29 5.79 3.34
CA LEU A 20 1.46 6.32 4.06
C LEU A 20 2.33 5.18 4.59
N THR A 21 3.65 5.35 4.62
CA THR A 21 4.51 4.25 5.06
C THR A 21 5.44 4.68 6.21
N CYS A 22 5.96 3.68 6.89
N CYS A 22 5.95 3.68 6.93
CA CYS A 22 6.71 3.88 8.11
CA CYS A 22 6.65 3.85 8.22
C CYS A 22 7.79 2.83 8.14
C CYS A 22 7.80 2.83 8.29
N ARG A 23 9.05 3.28 8.07
CA ARG A 23 10.20 2.40 7.92
C ARG A 23 11.09 2.47 9.16
N SER A 24 11.75 1.36 9.52
N SER A 24 11.75 1.38 9.54
CA SER A 24 12.79 1.35 10.55
CA SER A 24 12.77 1.43 10.60
C SER A 24 14.17 1.28 9.93
C SER A 24 14.16 1.24 10.00
N SER A 25 15.10 2.06 10.46
CA SER A 25 16.47 2.10 9.94
C SER A 25 17.25 0.84 10.29
N THR A 26 16.71 0.06 11.22
CA THR A 26 17.50 -1.04 11.76
C THR A 26 17.01 -2.42 11.32
N GLY A 27 15.81 -2.50 10.76
CA GLY A 27 15.35 -3.77 10.21
C GLY A 27 13.93 -3.68 9.71
N ALA A 28 13.35 -4.84 9.40
CA ALA A 28 11.96 -4.95 8.94
C ALA A 28 10.95 -4.67 10.04
N VAL A 29 9.82 -4.06 9.66
CA VAL A 29 8.71 -3.89 10.58
C VAL A 29 7.82 -5.12 10.47
N THR A 30 7.46 -5.72 11.61
CA THR A 30 6.61 -6.92 11.60
C THR A 30 5.51 -6.70 12.62
N THR A 31 4.59 -7.65 12.74
CA THR A 31 3.55 -7.51 13.76
C THR A 31 4.10 -7.43 15.18
N SER A 32 5.32 -7.92 15.40
CA SER A 32 6.01 -7.79 16.70
C SER A 32 6.34 -6.33 17.05
N ASN A 33 6.17 -5.42 16.09
CA ASN A 33 6.41 -3.99 16.35
C ASN A 33 5.15 -3.18 16.65
N TYR A 34 4.00 -3.85 16.66
CA TYR A 34 2.72 -3.24 17.11
C TYR A 34 2.47 -1.84 16.57
N ALA A 35 2.70 -1.67 15.27
CA ALA A 35 2.71 -0.35 14.69
C ALA A 35 1.43 0.44 15.02
N ASN A 36 1.64 1.70 15.42
CA ASN A 36 0.55 2.63 15.75
C ASN A 36 0.52 3.75 14.73
N TRP A 37 -0.66 4.25 14.45
CA TRP A 37 -0.78 5.44 13.61
C TRP A 37 -1.68 6.41 14.35
N VAL A 38 -1.21 7.64 14.47
CA VAL A 38 -1.95 8.70 15.15
C VAL A 38 -2.03 9.94 14.27
N GLN A 39 -3.09 10.72 14.44
CA GLN A 39 -3.34 11.90 13.61
C GLN A 39 -3.26 13.17 14.45
N GLU A 40 -2.56 14.19 13.96
CA GLU A 40 -2.58 15.48 14.63
C GLU A 40 -3.32 16.49 13.76
N LYS A 41 -4.31 17.14 14.33
CA LYS A 41 -5.02 18.28 13.71
C LYS A 41 -4.66 19.54 14.50
N PRO A 42 -5.01 20.73 13.99
CA PRO A 42 -4.77 21.93 14.80
C PRO A 42 -5.71 22.03 16.00
N ASP A 43 -5.21 22.52 17.14
CA ASP A 43 -3.78 22.50 17.37
C ASP A 43 -3.46 21.47 18.43
N HIS A 44 -2.40 20.72 18.15
CA HIS A 44 -2.02 19.51 18.87
C HIS A 44 -3.18 18.71 19.43
N LEU A 45 -4.20 18.55 18.57
N LEU A 45 -4.25 18.57 18.65
CA LEU A 45 -5.30 17.58 18.77
CA LEU A 45 -5.23 17.57 19.04
C LEU A 45 -4.86 16.24 18.20
C LEU A 45 -4.92 16.28 18.29
N PHE A 46 -4.50 15.30 19.08
CA PHE A 46 -4.13 13.97 18.62
C PHE A 46 -5.25 12.97 18.80
N THR A 47 -5.42 12.16 17.77
CA THR A 47 -6.39 11.04 17.71
CA THR A 47 -6.36 11.03 17.82
C THR A 47 -5.67 9.74 17.38
N GLY A 48 -5.87 8.68 18.16
CA GLY A 48 -5.28 7.39 17.76
C GLY A 48 -6.15 6.79 16.69
N LEU A 49 -5.52 6.27 15.65
CA LEU A 49 -6.25 5.71 14.51
C LEU A 49 -6.15 4.20 14.46
N ILE A 50 -4.91 3.70 14.52
CA ILE A 50 -4.62 2.28 14.44
C ILE A 50 -3.59 1.90 15.51
N VAL A 51 -3.81 0.74 16.13
CA VAL A 51 -2.83 0.15 17.05
C VAL A 51 -2.59 -1.30 16.72
N GLY A 52 -1.43 -1.85 17.09
CA GLY A 52 -1.18 -3.28 16.88
C GLY A 52 -1.26 -3.64 15.41
N THR A 53 -0.71 -2.77 14.56
CA THR A 53 -0.58 -2.96 13.10
C THR A 53 -1.89 -2.67 12.36
N ASN A 54 -2.98 -3.31 12.78
CA ASN A 54 -4.19 -3.31 11.97
C ASN A 54 -5.50 -3.21 12.76
N ASN A 55 -5.42 -2.78 14.01
CA ASN A 55 -6.61 -2.63 14.83
C ASN A 55 -7.09 -1.19 14.83
N ARG A 56 -8.24 -0.96 14.19
CA ARG A 56 -8.83 0.39 14.12
C ARG A 56 -9.37 0.76 15.48
N VAL A 57 -9.03 1.95 15.94
CA VAL A 57 -9.55 2.41 17.24
C VAL A 57 -11.06 2.67 17.09
N PRO A 58 -11.90 2.09 17.98
CA PRO A 58 -13.33 2.25 17.80
C PRO A 58 -13.70 3.74 17.68
N GLY A 59 -14.58 4.06 16.73
CA GLY A 59 -14.97 5.44 16.50
C GLY A 59 -14.24 6.10 15.34
N VAL A 60 -13.08 5.55 14.96
CA VAL A 60 -12.33 6.01 13.79
C VAL A 60 -13.09 5.55 12.54
N PRO A 61 -13.19 6.42 11.51
CA PRO A 61 -13.94 6.06 10.31
C PRO A 61 -13.40 4.81 9.62
N PRO A 62 -14.30 4.06 8.98
CA PRO A 62 -13.91 2.81 8.33
C PRO A 62 -12.90 2.94 7.20
N ARG A 63 -12.80 4.11 6.58
CA ARG A 63 -11.80 4.30 5.51
C ARG A 63 -10.34 4.16 5.95
N PHE A 64 -10.03 4.21 7.25
CA PHE A 64 -8.66 4.04 7.75
C PHE A 64 -8.37 2.56 8.00
N SER A 65 -7.24 2.06 7.51
CA SER A 65 -6.81 0.71 7.88
C SER A 65 -5.29 0.69 7.95
N GLY A 66 -4.77 -0.26 8.71
CA GLY A 66 -3.30 -0.42 8.81
C GLY A 66 -2.92 -1.80 8.30
N SER A 67 -1.69 -1.92 7.82
CA SER A 67 -1.17 -3.18 7.31
C SER A 67 0.36 -3.09 7.30
N LEU A 68 0.98 -4.11 6.72
CA LEU A 68 2.40 -4.08 6.43
C LEU A 68 2.54 -4.11 4.91
N ILE A 69 3.50 -3.34 4.42
N ILE A 69 3.44 -3.28 4.40
CA ILE A 69 3.81 -3.28 2.99
CA ILE A 69 3.81 -3.35 2.99
C ILE A 69 5.32 -3.47 2.82
C ILE A 69 5.31 -3.54 2.93
N GLY A 70 5.73 -4.65 2.34
CA GLY A 70 7.13 -5.03 2.31
C GLY A 70 7.70 -5.05 3.71
N ASP A 71 8.74 -4.25 3.89
CA ASP A 71 9.47 -4.17 5.13
C ASP A 71 8.93 -3.09 6.07
N LYS A 72 7.81 -2.45 5.70
CA LYS A 72 7.35 -1.22 6.36
C LYS A 72 5.93 -1.36 6.92
N ALA A 73 5.58 -0.51 7.88
CA ALA A 73 4.17 -0.41 8.27
C ALA A 73 3.46 0.57 7.32
N ALA A 74 2.15 0.40 7.14
CA ALA A 74 1.40 1.27 6.25
C ALA A 74 0.04 1.67 6.80
N LEU A 75 -0.33 2.91 6.55
CA LEU A 75 -1.67 3.40 6.80
C LEU A 75 -2.35 3.65 5.45
N THR A 76 -3.53 3.07 5.25
CA THR A 76 -4.22 3.31 3.97
C THR A 76 -5.50 4.06 4.30
N ILE A 77 -5.74 5.15 3.57
CA ILE A 77 -7.03 5.83 3.63
C ILE A 77 -7.71 5.54 2.31
N THR A 78 -8.73 4.68 2.36
CA THR A 78 -9.39 4.27 1.14
C THR A 78 -10.55 5.22 0.88
N GLY A 79 -10.29 6.26 0.09
CA GLY A 79 -11.25 7.31 -0.28
C GLY A 79 -10.97 8.49 0.65
N ALA A 80 -9.87 9.19 0.40
CA ALA A 80 -9.51 10.33 1.26
C ALA A 80 -10.58 11.43 1.26
N GLN A 81 -10.74 12.07 2.41
CA GLN A 81 -11.76 13.10 2.54
C GLN A 81 -11.06 14.35 3.05
N THR A 82 -11.67 15.51 2.84
CA THR A 82 -10.97 16.76 3.15
C THR A 82 -10.70 16.84 4.65
N GLU A 83 -11.54 16.20 5.47
CA GLU A 83 -11.27 16.20 6.92
C GLU A 83 -10.02 15.40 7.30
N ASP A 84 -9.44 14.69 6.34
CA ASP A 84 -8.24 13.90 6.60
C ASP A 84 -6.95 14.66 6.41
N GLU A 85 -7.04 15.92 5.98
CA GLU A 85 -5.85 16.79 5.94
C GLU A 85 -5.33 16.97 7.37
N ALA A 86 -4.12 16.47 7.64
CA ALA A 86 -3.58 16.41 8.99
C ALA A 86 -2.14 15.94 8.88
N ILE A 87 -1.48 15.88 10.03
CA ILE A 87 -0.15 15.28 10.12
C ILE A 87 -0.33 13.89 10.72
N TYR A 88 0.27 12.87 10.13
CA TYR A 88 0.09 11.47 10.58
C TYR A 88 1.42 10.99 11.10
N PHE A 89 1.43 10.46 12.33
CA PHE A 89 2.66 9.97 12.91
C PHE A 89 2.52 8.47 13.11
N CYS A 90 3.58 7.72 12.82
N CYS A 90 3.60 7.74 12.88
CA CYS A 90 3.58 6.31 13.22
CA CYS A 90 3.62 6.30 13.18
C CYS A 90 4.47 6.17 14.45
C CYS A 90 4.60 6.04 14.31
N ALA A 91 4.27 5.06 15.17
CA ALA A 91 5.16 4.70 16.29
C ALA A 91 5.31 3.19 16.21
N LEU A 92 6.53 2.73 16.44
CA LEU A 92 6.86 1.32 16.42
C LEU A 92 7.42 0.93 17.77
N TRP A 93 7.05 -0.27 18.21
CA TRP A 93 7.59 -0.88 19.41
C TRP A 93 8.81 -1.67 18.94
N TYR A 94 9.99 -1.09 19.10
CA TYR A 94 11.17 -1.62 18.42
C TYR A 94 12.29 -1.68 19.45
N SER A 95 12.84 -2.88 19.66
CA SER A 95 13.81 -3.14 20.74
C SER A 95 13.26 -2.69 22.09
N ASN A 96 11.96 -2.97 22.30
CA ASN A 96 11.32 -2.68 23.59
C ASN A 96 11.37 -1.21 23.97
N HIS A 97 11.16 -0.37 22.96
CA HIS A 97 11.06 1.07 23.11
C HIS A 97 10.02 1.55 22.11
N TRP A 98 9.20 2.54 22.46
CA TRP A 98 8.30 3.16 21.46
C TRP A 98 9.07 4.28 20.76
N VAL A 99 9.19 4.18 19.44
CA VAL A 99 9.90 5.16 18.63
C VAL A 99 8.94 5.73 17.60
N PHE A 100 8.89 7.06 17.53
CA PHE A 100 7.96 7.74 16.64
C PHE A 100 8.68 8.13 15.34
N GLY A 101 7.94 8.04 14.25
CA GLY A 101 8.35 8.61 12.95
C GLY A 101 8.26 10.14 12.99
N GLY A 102 8.79 10.81 11.97
CA GLY A 102 8.83 12.26 11.94
C GLY A 102 7.53 12.93 11.50
N GLY A 103 6.53 12.13 11.12
CA GLY A 103 5.23 12.65 10.68
C GLY A 103 5.17 12.89 9.18
N THR A 104 3.99 12.73 8.61
CA THR A 104 3.73 12.98 7.20
C THR A 104 2.61 14.01 7.15
N LYS A 105 2.88 15.16 6.54
N LYS A 105 2.86 15.14 6.50
CA LYS A 105 1.81 16.12 6.27
CA LYS A 105 1.81 16.15 6.30
C LYS A 105 1.02 15.59 5.09
C LYS A 105 0.96 15.80 5.08
N LEU A 106 -0.26 15.32 5.32
CA LEU A 106 -1.13 14.88 4.24
C LEU A 106 -2.04 16.03 3.86
N THR A 107 -1.99 16.49 2.61
CA THR A 107 -2.96 17.48 2.13
C THR A 107 -4.03 16.74 1.34
N VAL A 108 -5.30 17.02 1.63
CA VAL A 108 -6.39 16.43 0.85
C VAL A 108 -7.12 17.64 0.34
N LEU A 109 -6.95 17.90 -0.95
CA LEU A 109 -7.23 19.23 -1.49
C LEU A 109 -8.68 19.68 -1.30
N GLY A 110 -8.88 20.75 -0.51
CA GLY A 110 -10.21 21.29 -0.23
C GLY A 110 -10.57 22.49 -1.07
N GLN A 111 -9.59 22.95 -1.83
CA GLN A 111 -9.72 24.13 -2.67
C GLN A 111 -8.55 24.09 -3.65
N PRO A 112 -8.55 24.96 -4.68
CA PRO A 112 -7.43 25.01 -5.62
C PRO A 112 -6.11 25.33 -4.96
N LYS A 113 -5.02 24.80 -5.51
CA LYS A 113 -3.70 25.17 -5.02
C LYS A 113 -3.52 26.68 -5.15
N SER A 114 -2.65 27.23 -4.32
CA SER A 114 -2.45 28.68 -4.22
C SER A 114 -0.98 28.97 -3.89
N SER A 115 -0.34 29.80 -4.72
CA SER A 115 1.06 30.16 -4.53
C SER A 115 1.19 31.19 -3.41
N PRO A 116 2.32 31.15 -2.66
CA PRO A 116 2.49 32.09 -1.54
C PRO A 116 2.61 33.55 -1.96
N SER A 117 1.98 34.43 -1.18
CA SER A 117 2.26 35.87 -1.24
C SER A 117 3.36 36.19 -0.25
N VAL A 118 4.46 36.74 -0.75
CA VAL A 118 5.66 36.90 0.06
C VAL A 118 5.96 38.41 0.18
N THR A 119 6.26 38.85 1.39
CA THR A 119 6.67 40.24 1.66
C THR A 119 7.92 40.20 2.52
N LEU A 120 8.93 40.94 2.12
CA LEU A 120 10.15 41.04 2.92
C LEU A 120 10.28 42.44 3.50
N PHE A 121 10.49 42.53 4.83
CA PHE A 121 10.61 43.84 5.50
C PHE A 121 12.05 44.05 6.02
N PRO A 122 12.58 45.28 5.90
CA PRO A 122 13.91 45.57 6.42
C PRO A 122 13.82 45.92 7.91
N PRO A 123 14.97 45.99 8.62
CA PRO A 123 14.92 46.38 10.03
C PRO A 123 14.48 47.83 10.12
N SER A 124 13.75 48.16 11.18
CA SER A 124 13.34 49.53 11.46
C SER A 124 14.54 50.37 11.96
N SER A 125 14.47 51.68 11.78
N SER A 125 14.47 51.68 11.79
CA SER A 125 15.45 52.59 12.36
CA SER A 125 15.49 52.55 12.36
C SER A 125 15.48 52.43 13.87
C SER A 125 15.49 52.44 13.89
N GLU A 126 14.30 52.23 14.47
CA GLU A 126 14.16 52.09 15.93
C GLU A 126 14.97 50.88 16.42
N GLU A 127 14.83 49.76 15.72
CA GLU A 127 15.56 48.57 16.11
C GLU A 127 17.08 48.73 15.91
N LEU A 128 17.47 49.35 14.80
CA LEU A 128 18.90 49.58 14.53
C LEU A 128 19.60 50.41 15.62
N GLU A 129 18.85 51.29 16.28
CA GLU A 129 19.40 52.06 17.41
C GLU A 129 19.78 51.17 18.61
N THR A 130 19.22 49.96 18.66
CA THR A 130 19.59 49.00 19.70
C THR A 130 20.74 48.11 19.26
N ASN A 131 21.30 48.41 18.09
CA ASN A 131 22.44 47.68 17.52
C ASN A 131 22.10 46.27 17.01
N LYS A 132 20.82 46.06 16.72
CA LYS A 132 20.28 44.80 16.20
C LYS A 132 19.47 45.07 14.92
N ALA A 133 19.36 44.07 14.07
CA ALA A 133 18.67 44.23 12.80
C ALA A 133 17.91 42.94 12.52
N THR A 134 16.57 42.98 12.51
CA THR A 134 15.80 41.79 12.16
C THR A 134 15.11 42.04 10.84
N LEU A 135 15.28 41.13 9.88
CA LEU A 135 14.48 41.15 8.66
C LEU A 135 13.32 40.17 8.84
N VAL A 136 12.16 40.52 8.30
CA VAL A 136 10.95 39.70 8.51
C VAL A 136 10.39 39.34 7.13
N CYS A 137 10.20 38.04 6.92
N CYS A 137 10.19 38.05 6.87
CA CYS A 137 9.63 37.51 5.70
CA CYS A 137 9.61 37.62 5.60
C CYS A 137 8.25 36.97 6.06
C CYS A 137 8.29 36.89 5.83
N THR A 138 7.19 37.57 5.53
CA THR A 138 5.84 37.04 5.78
C THR A 138 5.37 36.29 4.53
N ILE A 139 4.64 35.18 4.75
CA ILE A 139 4.33 34.25 3.68
C ILE A 139 2.86 33.86 3.87
N THR A 140 1.99 34.26 2.97
CA THR A 140 0.58 34.00 3.24
C THR A 140 -0.10 33.37 2.05
N ASP A 141 -1.32 32.88 2.29
CA ASP A 141 -2.21 32.41 1.24
C ASP A 141 -1.66 31.26 0.41
N PHE A 142 -0.93 30.33 1.04
CA PHE A 142 -0.41 29.20 0.28
C PHE A 142 -1.14 27.91 0.59
N TYR A 143 -1.27 27.06 -0.43
CA TYR A 143 -1.96 25.81 -0.29
C TYR A 143 -1.47 24.94 -1.44
N PRO A 144 -1.00 23.72 -1.14
CA PRO A 144 -0.89 23.05 0.16
C PRO A 144 -0.05 23.79 1.20
N GLY A 145 -0.23 23.45 2.48
CA GLY A 145 0.50 24.19 3.54
C GLY A 145 1.90 23.64 3.82
N VAL A 146 2.73 23.58 2.79
CA VAL A 146 4.08 23.05 2.87
C VAL A 146 5.00 23.98 2.08
N VAL A 147 5.99 24.58 2.74
CA VAL A 147 6.95 25.46 2.08
C VAL A 147 8.36 25.19 2.61
N THR A 148 9.37 25.57 1.84
CA THR A 148 10.73 25.62 2.34
C THR A 148 11.15 27.07 2.18
N VAL A 149 11.85 27.62 3.18
CA VAL A 149 12.28 29.01 3.16
C VAL A 149 13.79 29.07 3.30
N ASP A 150 14.44 29.80 2.39
CA ASP A 150 15.89 29.94 2.40
C ASP A 150 16.17 31.44 2.35
N TRP A 151 17.25 31.85 3.01
CA TRP A 151 17.66 33.26 2.99
C TRP A 151 19.02 33.38 2.33
N LYS A 152 19.26 34.49 1.63
CA LYS A 152 20.59 34.76 1.09
C LYS A 152 20.96 36.20 1.41
N VAL A 153 22.23 36.42 1.70
CA VAL A 153 22.74 37.77 1.95
C VAL A 153 23.87 37.97 0.98
N ASP A 154 23.71 38.97 0.11
CA ASP A 154 24.65 39.19 -1.00
C ASP A 154 24.98 37.94 -1.82
N GLY A 155 24.01 37.03 -1.89
CA GLY A 155 24.18 35.77 -2.63
C GLY A 155 24.56 34.57 -1.79
N THR A 156 25.03 34.80 -0.56
CA THR A 156 25.49 33.71 0.31
C THR A 156 24.31 33.07 1.04
N PRO A 157 24.16 31.74 0.94
CA PRO A 157 23.08 31.14 1.75
C PRO A 157 23.33 31.30 3.23
N VAL A 158 22.29 31.69 3.96
CA VAL A 158 22.37 31.90 5.39
C VAL A 158 22.15 30.56 6.08
N THR A 159 23.08 30.20 6.96
CA THR A 159 22.98 28.91 7.66
C THR A 159 22.75 29.09 9.17
N GLN A 160 22.84 30.32 9.66
CA GLN A 160 22.71 30.64 11.09
C GLN A 160 21.84 31.88 11.29
N GLY A 161 21.09 31.93 12.38
CA GLY A 161 20.40 33.17 12.78
C GLY A 161 19.05 33.37 12.12
N MET A 162 18.45 32.29 11.64
N MET A 162 18.45 32.27 11.70
N MET A 162 18.47 32.27 11.66
CA MET A 162 17.13 32.39 11.01
CA MET A 162 17.16 32.33 11.03
CA MET A 162 17.15 32.31 11.05
C MET A 162 16.16 31.35 11.56
C MET A 162 16.18 31.36 11.71
C MET A 162 16.21 31.46 11.88
N GLU A 163 14.92 31.76 11.79
CA GLU A 163 13.89 30.97 12.46
C GLU A 163 12.63 31.09 11.61
N THR A 164 11.95 29.98 11.34
CA THR A 164 10.75 30.01 10.51
C THR A 164 9.64 29.30 11.26
N THR A 165 8.45 29.87 11.28
CA THR A 165 7.34 29.24 11.96
C THR A 165 6.81 28.10 11.11
N GLN A 166 6.24 27.10 11.76
CA GLN A 166 5.53 26.02 11.05
C GLN A 166 4.28 26.62 10.39
N PRO A 167 3.91 26.22 9.15
CA PRO A 167 2.67 26.76 8.60
C PRO A 167 1.46 26.62 9.50
N SER A 168 0.65 27.68 9.54
CA SER A 168 -0.61 27.61 10.29
C SER A 168 -1.78 28.03 9.43
N LYS A 169 -2.96 27.56 9.77
CA LYS A 169 -4.12 27.75 8.92
C LYS A 169 -4.71 29.15 9.08
N GLN A 170 -4.97 29.79 7.95
CA GLN A 170 -5.67 31.06 7.89
C GLN A 170 -7.19 30.85 7.97
N SER A 171 -7.91 31.93 8.18
CA SER A 171 -9.38 31.84 8.23
C SER A 171 -10.00 31.41 6.89
N ASN A 172 -9.28 31.58 5.79
CA ASN A 172 -9.73 31.10 4.47
C ASN A 172 -9.18 29.72 4.13
N ASN A 173 -8.63 29.03 5.14
CA ASN A 173 -8.17 27.65 5.00
C ASN A 173 -6.95 27.43 4.13
N LYS A 174 -6.37 28.54 3.65
CA LYS A 174 -4.98 28.50 3.17
C LYS A 174 -4.07 28.59 4.40
N TYR A 175 -2.75 28.64 4.17
CA TYR A 175 -1.79 28.63 5.26
C TYR A 175 -0.86 29.83 5.19
N MET A 176 -0.23 30.15 6.33
CA MET A 176 0.71 31.27 6.43
C MET A 176 1.87 30.83 7.31
N ALA A 177 2.99 31.53 7.16
CA ALA A 177 4.18 31.32 7.97
C ALA A 177 5.00 32.60 7.93
N SER A 178 5.93 32.71 8.87
CA SER A 178 6.82 33.85 8.85
C SER A 178 8.24 33.36 9.09
N SER A 179 9.22 34.10 8.58
CA SER A 179 10.60 33.72 8.80
C SER A 179 11.35 34.99 9.23
N TYR A 180 12.33 34.81 10.11
CA TYR A 180 13.14 35.90 10.62
C TYR A 180 14.62 35.65 10.36
N LEU A 181 15.33 36.70 9.95
CA LEU A 181 16.78 36.69 9.88
C LEU A 181 17.27 37.71 10.91
N THR A 182 18.02 37.27 11.90
CA THR A 182 18.46 38.14 12.98
C THR A 182 19.94 38.43 12.77
N LEU A 183 20.25 39.72 12.65
CA LEU A 183 21.63 40.16 12.46
C LEU A 183 21.97 41.23 13.49
N THR A 184 23.26 41.52 13.62
CA THR A 184 23.71 42.70 14.36
C THR A 184 23.63 43.89 13.40
N ALA A 185 23.60 45.10 13.96
CA ALA A 185 23.68 46.30 13.12
C ALA A 185 24.99 46.33 12.33
N ARG A 186 26.07 45.83 12.95
N ARG A 186 26.08 45.85 12.95
CA ARG A 186 27.37 45.78 12.27
CA ARG A 186 27.38 45.75 12.29
C ARG A 186 27.32 44.88 11.03
C ARG A 186 27.27 44.91 11.01
N ALA A 187 26.62 43.75 11.14
CA ALA A 187 26.39 42.84 10.00
C ALA A 187 25.52 43.49 8.92
N TRP A 188 24.44 44.15 9.35
CA TRP A 188 23.54 44.87 8.44
C TRP A 188 24.34 45.87 7.59
N GLU A 189 25.23 46.65 8.21
CA GLU A 189 26.05 47.63 7.49
C GLU A 189 27.07 47.00 6.54
N ARG A 190 27.47 45.76 6.81
CA ARG A 190 28.48 45.12 5.97
C ARG A 190 27.91 44.48 4.71
N HIS A 191 26.59 44.40 4.59
CA HIS A 191 25.95 43.69 3.49
C HIS A 191 24.93 44.56 2.78
N SER A 192 24.68 44.26 1.50
N SER A 192 24.65 44.24 1.51
CA SER A 192 23.86 45.11 0.64
CA SER A 192 23.84 45.14 0.67
C SER A 192 22.50 44.50 0.38
C SER A 192 22.49 44.58 0.24
N SER A 193 22.50 43.33 -0.25
N SER A 193 22.45 43.31 -0.13
CA SER A 193 21.24 42.72 -0.66
CA SER A 193 21.25 42.70 -0.70
C SER A 193 20.81 41.61 0.29
C SER A 193 20.78 41.49 0.09
N TYR A 194 19.50 41.48 0.45
CA TYR A 194 18.92 40.49 1.38
C TYR A 194 17.73 39.88 0.66
N SER A 195 17.60 38.56 0.73
N SER A 195 17.68 38.55 0.67
CA SER A 195 16.55 37.87 -0.02
CA SER A 195 16.65 37.87 -0.07
C SER A 195 15.86 36.77 0.80
C SER A 195 16.13 36.68 0.73
N CYS A 196 14.56 36.63 0.62
N CYS A 196 14.80 36.60 0.83
CA CYS A 196 13.78 35.56 1.24
CA CYS A 196 14.10 35.41 1.31
C CYS A 196 13.23 34.73 0.09
C CYS A 196 13.42 34.75 0.11
N GLN A 197 13.56 33.43 0.05
CA GLN A 197 13.15 32.63 -1.10
C GLN A 197 12.25 31.52 -0.56
N VAL A 198 11.02 31.49 -1.06
CA VAL A 198 10.03 30.53 -0.59
C VAL A 198 9.69 29.55 -1.69
N THR A 199 9.90 28.26 -1.44
CA THR A 199 9.63 27.25 -2.47
C THR A 199 8.33 26.54 -2.12
N HIS A 200 7.44 26.42 -3.09
CA HIS A 200 6.11 25.87 -2.89
C HIS A 200 5.81 25.11 -4.16
N GLU A 201 5.43 23.84 -4.00
CA GLU A 201 5.03 22.97 -5.12
C GLU A 201 6.01 23.09 -6.28
N GLY A 202 7.30 23.12 -5.92
CA GLY A 202 8.38 23.05 -6.91
C GLY A 202 8.74 24.36 -7.57
N HIS A 203 8.13 25.45 -7.14
CA HIS A 203 8.42 26.77 -7.71
C HIS A 203 8.86 27.69 -6.57
N THR A 204 9.82 28.55 -6.86
CA THR A 204 10.36 29.46 -5.85
C THR A 204 9.87 30.90 -6.09
N VAL A 205 9.32 31.52 -5.05
CA VAL A 205 8.98 32.94 -5.07
C VAL A 205 10.07 33.64 -4.25
N GLU A 206 10.76 34.60 -4.83
CA GLU A 206 11.83 35.32 -4.11
C GLU A 206 11.48 36.80 -3.96
N LYS A 207 11.70 37.35 -2.78
CA LYS A 207 11.63 38.80 -2.59
C LYS A 207 12.96 39.26 -2.03
N SER A 208 13.38 40.44 -2.46
N SER A 208 13.40 40.43 -2.45
CA SER A 208 14.67 40.97 -2.06
CA SER A 208 14.71 40.91 -2.03
C SER A 208 14.55 42.43 -1.67
C SER A 208 14.70 42.42 -1.85
N LEU A 209 15.56 42.90 -0.96
CA LEU A 209 15.72 44.34 -0.73
C LEU A 209 17.19 44.67 -0.61
N SER A 210 17.51 45.95 -0.80
CA SER A 210 18.86 46.46 -0.58
C SER A 210 18.86 47.36 0.64
N ARG A 211 19.94 47.34 1.43
CA ARG A 211 20.03 48.23 2.58
C ARG A 211 19.96 49.69 2.12
N ALA A 212 20.64 50.00 1.02
CA ALA A 212 20.80 51.41 0.61
C ALA A 212 19.62 51.96 -0.19
N PCA B 1 -18.10 7.83 26.56
CA PCA B 1 -16.97 8.29 25.74
CB PCA B 1 -17.28 9.69 25.19
CG PCA B 1 -18.28 10.29 26.16
CD PCA B 1 -18.72 9.09 26.96
OE PCA B 1 -19.56 9.19 27.87
C PCA B 1 -15.71 8.35 26.59
O PCA B 1 -15.72 8.90 27.70
N ILE B 2 -14.62 7.81 26.07
CA ILE B 2 -13.36 7.86 26.79
C ILE B 2 -12.75 9.26 26.59
N GLN B 3 -12.35 9.88 27.68
CA GLN B 3 -11.76 11.22 27.66
C GLN B 3 -10.57 11.22 28.58
N LEU B 4 -9.48 11.85 28.13
CA LEU B 4 -8.35 12.14 28.98
C LEU B 4 -8.21 13.67 29.02
N VAL B 5 -8.29 14.25 30.22
CA VAL B 5 -8.22 15.70 30.36
C VAL B 5 -7.03 16.08 31.23
N GLN B 6 -6.14 16.90 30.67
CA GLN B 6 -4.93 17.29 31.36
C GLN B 6 -5.07 18.67 32.01
N SER B 7 -4.17 18.95 32.95
CA SER B 7 -4.15 20.27 33.60
C SER B 7 -3.61 21.31 32.62
N GLY B 8 -3.71 22.58 33.03
CA GLY B 8 -3.43 23.71 32.17
C GLY B 8 -1.96 24.01 31.92
N PRO B 9 -1.69 25.02 31.07
CA PRO B 9 -0.30 25.36 30.73
C PRO B 9 0.51 25.84 31.94
N GLU B 10 1.81 25.53 31.93
CA GLU B 10 2.69 25.84 33.06
C GLU B 10 3.85 26.72 32.58
N VAL B 11 4.24 27.71 33.37
CA VAL B 11 5.45 28.47 33.12
C VAL B 11 6.31 28.36 34.36
N GLN B 12 7.52 27.84 34.21
CA GLN B 12 8.38 27.61 35.37
C GLN B 12 9.82 27.98 35.08
N LYS B 13 10.57 28.26 36.15
CA LYS B 13 11.98 28.60 36.06
C LYS B 13 12.84 27.33 36.08
N PRO B 14 14.01 27.36 35.42
CA PRO B 14 14.91 26.20 35.51
C PRO B 14 15.22 25.85 36.96
N GLY B 15 15.25 24.55 37.26
CA GLY B 15 15.58 24.07 38.61
C GLY B 15 14.34 23.77 39.45
N GLU B 16 13.22 24.33 39.02
CA GLU B 16 11.96 24.07 39.70
C GLU B 16 11.38 22.75 39.24
N THR B 17 10.17 22.48 39.68
CA THR B 17 9.49 21.24 39.40
C THR B 17 8.16 21.60 38.79
N VAL B 18 7.68 20.77 37.87
CA VAL B 18 6.33 20.89 37.35
C VAL B 18 5.60 19.55 37.54
N ARG B 19 4.29 19.62 37.77
CA ARG B 19 3.45 18.44 37.90
C ARG B 19 2.23 18.63 36.99
N ILE B 20 2.01 17.64 36.12
CA ILE B 20 0.91 17.66 35.15
C ILE B 20 -0.03 16.54 35.51
N SER B 21 -1.33 16.82 35.52
CA SER B 21 -2.32 15.78 35.78
C SER B 21 -3.01 15.35 34.49
N CYS B 22 -3.54 14.12 34.53
CA CYS B 22 -4.27 13.53 33.42
C CYS B 22 -5.40 12.74 34.05
N LYS B 23 -6.60 13.32 33.95
CA LYS B 23 -7.82 12.71 34.47
C LYS B 23 -8.53 11.90 33.38
N ALA B 24 -8.72 10.62 33.66
CA ALA B 24 -9.37 9.68 32.74
C ALA B 24 -10.82 9.43 33.12
N SER B 25 -11.67 9.32 32.11
CA SER B 25 -13.04 8.92 32.34
C SER B 25 -13.57 8.10 31.16
N GLY B 26 -14.66 7.39 31.39
CA GLY B 26 -15.30 6.57 30.36
C GLY B 26 -14.89 5.11 30.32
N TYR B 27 -13.99 4.70 31.21
CA TYR B 27 -13.54 3.31 31.29
C TYR B 27 -12.96 3.07 32.69
N THR B 28 -12.76 1.81 33.06
CA THR B 28 -12.19 1.50 34.37
C THR B 28 -10.69 1.78 34.36
N PHE B 29 -10.28 2.78 35.14
CA PHE B 29 -8.90 3.30 35.15
C PHE B 29 -7.80 2.24 35.20
N THR B 30 -8.02 1.20 36.01
CA THR B 30 -6.99 0.20 36.33
C THR B 30 -6.84 -0.91 35.31
N THR B 31 -7.55 -0.81 34.20
CA THR B 31 -7.55 -1.88 33.20
C THR B 31 -6.63 -1.60 32.01
N ALA B 32 -6.06 -0.39 31.93
CA ALA B 32 -5.13 -0.06 30.85
C ALA B 32 -4.00 0.84 31.35
N GLY B 33 -2.80 0.61 30.84
CA GLY B 33 -1.64 1.44 31.18
C GLY B 33 -1.80 2.85 30.63
N MET B 34 -1.07 3.78 31.25
CA MET B 34 -1.04 5.17 30.76
C MET B 34 0.37 5.51 30.31
N GLN B 35 0.49 6.12 29.13
CA GLN B 35 1.78 6.48 28.57
C GLN B 35 1.91 7.98 28.66
N TRP B 36 3.15 8.45 28.65
CA TRP B 36 3.42 9.87 28.53
C TRP B 36 4.35 10.14 27.37
N VAL B 37 4.12 11.25 26.67
CA VAL B 37 4.83 11.60 25.43
C VAL B 37 5.21 13.09 25.49
N GLN B 38 6.41 13.40 25.01
CA GLN B 38 6.90 14.76 24.90
C GLN B 38 6.90 15.19 23.44
N LYS B 39 6.42 16.42 23.17
CA LYS B 39 6.60 16.99 21.84
C LYS B 39 7.22 18.37 21.93
N MET B 40 8.54 18.46 21.74
CA MET B 40 9.20 19.77 21.78
C MET B 40 8.70 20.62 20.60
N PRO B 41 8.71 21.95 20.75
CA PRO B 41 8.15 22.81 19.69
C PRO B 41 8.69 22.51 18.29
N GLY B 42 7.78 22.29 17.35
CA GLY B 42 8.14 22.08 15.94
C GLY B 42 8.83 20.77 15.61
N LYS B 43 8.89 19.87 16.59
CA LYS B 43 9.56 18.58 16.43
C LYS B 43 8.59 17.40 16.61
N SER B 44 9.08 16.19 16.37
CA SER B 44 8.22 15.02 16.52
C SER B 44 8.17 14.55 17.98
N LEU B 45 7.58 13.38 18.18
CA LEU B 45 7.17 12.95 19.49
C LEU B 45 8.22 12.02 20.08
N LYS B 46 8.38 12.10 21.39
N LYS B 46 8.34 12.02 21.40
CA LYS B 46 9.25 11.19 22.12
CA LYS B 46 9.31 11.18 22.09
C LYS B 46 8.47 10.51 23.23
C LYS B 46 8.64 10.54 23.30
N TRP B 47 8.69 9.21 23.36
CA TRP B 47 8.03 8.41 24.41
C TRP B 47 8.81 8.56 25.72
N ILE B 48 8.11 8.97 26.76
CA ILE B 48 8.71 9.13 28.10
C ILE B 48 8.68 7.82 28.89
N GLY B 49 7.58 7.08 28.76
CA GLY B 49 7.40 5.83 29.49
C GLY B 49 5.93 5.54 29.71
N TRP B 50 5.66 4.47 30.44
CA TRP B 50 4.30 4.17 30.84
C TRP B 50 4.27 3.85 32.33
N ILE B 51 3.06 3.81 32.86
CA ILE B 51 2.87 3.34 34.22
C ILE B 51 1.70 2.36 34.18
N ASN B 52 1.89 1.25 34.88
CA ASN B 52 0.85 0.25 35.03
C ASN B 52 -0.11 0.78 36.07
N THR B 53 -1.38 0.90 35.70
CA THR B 53 -2.35 1.52 36.62
C THR B 53 -2.93 0.58 37.68
N ARG B 54 -2.68 -0.73 37.54
CA ARG B 54 -3.07 -1.73 38.53
C ARG B 54 -2.00 -1.92 39.60
N SER B 55 -0.74 -1.98 39.18
CA SER B 55 0.37 -2.28 40.10
C SER B 55 1.16 -1.05 40.50
N GLY B 56 1.03 0.03 39.72
CA GLY B 56 1.81 1.25 39.91
C GLY B 56 3.25 1.19 39.43
N VAL B 57 3.63 0.09 38.79
CA VAL B 57 5.01 -0.07 38.32
C VAL B 57 5.22 0.73 37.03
N PRO B 58 6.18 1.69 37.06
CA PRO B 58 6.47 2.46 35.86
C PRO B 58 7.52 1.81 34.98
N LYS B 59 7.55 2.22 33.72
CA LYS B 59 8.65 1.87 32.84
C LYS B 59 9.11 3.17 32.21
N TYR B 60 10.39 3.51 32.36
CA TYR B 60 10.86 4.79 31.83
C TYR B 60 11.78 4.60 30.65
N ALA B 61 11.63 5.46 29.64
CA ALA B 61 12.61 5.50 28.57
C ALA B 61 13.95 6.01 29.14
N GLU B 62 15.05 5.44 28.66
CA GLU B 62 16.38 5.78 29.20
C GLU B 62 16.68 7.27 29.10
N ASP B 63 16.18 7.90 28.03
CA ASP B 63 16.46 9.33 27.77
C ASP B 63 15.72 10.28 28.71
N PHE B 64 14.77 9.74 29.48
CA PHE B 64 14.00 10.51 30.45
C PHE B 64 14.20 10.12 31.92
N LYS B 65 14.73 8.91 32.18
CA LYS B 65 15.01 8.47 33.53
C LYS B 65 15.80 9.49 34.32
N GLY B 66 15.37 9.72 35.56
CA GLY B 66 16.07 10.65 36.44
C GLY B 66 15.15 11.77 36.87
N ARG B 67 14.97 12.75 36.00
CA ARG B 67 14.23 13.95 36.41
C ARG B 67 12.74 13.76 36.16
N PHE B 68 12.37 12.76 35.37
CA PHE B 68 10.95 12.54 35.01
C PHE B 68 10.40 11.34 35.79
N ALA B 69 9.22 11.50 36.40
CA ALA B 69 8.63 10.45 37.22
C ALA B 69 7.12 10.44 37.06
N PHE B 70 6.54 9.26 37.25
CA PHE B 70 5.10 9.08 37.12
C PHE B 70 4.51 8.73 38.49
N SER B 71 3.30 9.20 38.75
CA SER B 71 2.56 8.71 39.93
C SER B 71 1.10 8.60 39.55
N LEU B 72 0.32 7.97 40.44
CA LEU B 72 -1.11 7.76 40.24
C LEU B 72 -1.85 8.25 41.46
N GLU B 73 -3.05 8.76 41.22
CA GLU B 73 -4.09 8.81 42.26
C GLU B 73 -5.25 7.96 41.75
N THR B 74 -5.16 6.65 42.01
CA THR B 74 -6.04 5.66 41.38
C THR B 74 -7.53 5.87 41.68
N SER B 75 -7.82 6.23 42.93
CA SER B 75 -9.20 6.40 43.38
C SER B 75 -9.90 7.54 42.65
N ALA B 76 -9.10 8.47 42.13
CA ALA B 76 -9.61 9.58 41.34
C ALA B 76 -9.43 9.42 39.84
N SER B 77 -8.90 8.27 39.39
CA SER B 77 -8.56 8.03 37.96
C SER B 77 -7.65 9.09 37.34
N ILE B 78 -6.65 9.49 38.11
CA ILE B 78 -5.71 10.51 37.66
C ILE B 78 -4.31 9.92 37.61
N ALA B 79 -3.62 10.19 36.51
CA ALA B 79 -2.20 9.92 36.38
C ALA B 79 -1.44 11.25 36.37
N TYR B 80 -0.21 11.25 36.89
CA TYR B 80 0.60 12.47 36.98
C TYR B 80 1.95 12.26 36.35
N LEU B 81 2.46 13.34 35.77
CA LEU B 81 3.84 13.43 35.27
C LEU B 81 4.51 14.50 36.12
N HIS B 82 5.66 14.16 36.70
CA HIS B 82 6.42 15.10 37.52
C HIS B 82 7.73 15.29 36.78
N ILE B 83 8.16 16.54 36.63
CA ILE B 83 9.50 16.80 36.09
C ILE B 83 10.25 17.66 37.10
N ASN B 84 11.38 17.14 37.60
CA ASN B 84 12.16 17.84 38.59
C ASN B 84 13.35 18.52 37.95
N ASN B 85 13.93 19.47 38.68
CA ASN B 85 15.13 20.17 38.26
C ASN B 85 15.01 20.59 36.78
N LEU B 86 13.99 21.38 36.49
CA LEU B 86 13.63 21.69 35.10
C LEU B 86 14.77 22.32 34.31
N LYS B 87 14.84 21.94 33.03
CA LYS B 87 15.84 22.51 32.12
C LYS B 87 15.12 23.26 31.00
N ASN B 88 15.77 24.27 30.41
CA ASN B 88 15.13 24.99 29.30
C ASN B 88 14.60 24.06 28.21
N GLU B 89 15.39 23.02 27.92
CA GLU B 89 15.04 22.01 26.91
C GLU B 89 13.83 21.14 27.24
N ASP B 90 13.32 21.21 28.47
CA ASP B 90 12.07 20.52 28.80
C ASP B 90 10.86 21.26 28.24
N THR B 91 11.08 22.44 27.67
CA THR B 91 9.97 23.22 27.10
C THR B 91 9.36 22.39 25.96
N ALA B 92 8.09 22.04 26.11
CA ALA B 92 7.40 21.13 25.18
C ALA B 92 5.94 21.05 25.53
N THR B 93 5.15 20.44 24.65
CA THR B 93 3.80 20.01 25.02
C THR B 93 3.89 18.54 25.43
N TYR B 94 3.32 18.24 26.60
CA TYR B 94 3.31 16.87 27.14
C TYR B 94 1.92 16.26 27.02
N PHE B 95 1.87 15.00 26.60
CA PHE B 95 0.59 14.32 26.41
C PHE B 95 0.56 13.05 27.23
N CYS B 96 -0.59 12.76 27.82
CA CYS B 96 -0.84 11.40 28.32
C CYS B 96 -1.67 10.72 27.23
N ALA B 97 -1.53 9.40 27.14
CA ALA B 97 -2.23 8.61 26.15
C ALA B 97 -2.37 7.21 26.72
N ARG B 98 -3.55 6.64 26.57
CA ARG B 98 -3.84 5.34 27.13
C ARG B 98 -3.43 4.20 26.21
N GLU B 99 -2.94 3.10 26.81
CA GLU B 99 -2.74 1.81 26.11
C GLU B 99 -4.06 1.26 25.55
N GLY B 100 -4.01 0.39 24.54
CA GLY B 100 -2.78 0.08 23.81
C GLY B 100 -3.03 -1.09 22.87
N PRO B 101 -1.96 -1.71 22.34
CA PRO B 101 -0.55 -1.43 22.64
C PRO B 101 -0.20 -0.13 21.95
N GLY B 102 0.37 0.79 22.72
CA GLY B 102 0.75 2.10 22.19
C GLY B 102 -0.16 3.19 22.72
N PHE B 103 -0.74 3.96 21.80
CA PHE B 103 -1.25 5.29 22.13
C PHE B 103 -2.64 5.46 21.54
N VAL B 104 -3.64 4.92 22.24
CA VAL B 104 -5.01 4.80 21.71
C VAL B 104 -5.86 6.07 21.87
N TYR B 105 -5.95 6.57 23.10
CA TYR B 105 -6.72 7.77 23.41
C TYR B 105 -5.76 8.78 23.99
N TRP B 106 -5.88 10.05 23.60
CA TRP B 106 -4.86 11.05 23.93
C TRP B 106 -5.47 12.16 24.75
N GLY B 107 -4.75 12.66 25.75
CA GLY B 107 -5.13 13.92 26.39
C GLY B 107 -4.97 15.09 25.42
N GLN B 108 -5.44 16.28 25.81
CA GLN B 108 -5.34 17.46 24.92
C GLN B 108 -3.96 18.11 24.89
N GLY B 109 -3.07 17.67 25.77
CA GLY B 109 -1.70 18.18 25.85
C GLY B 109 -1.61 19.29 26.88
N THR B 110 -0.42 19.46 27.45
CA THR B 110 -0.14 20.51 28.42
C THR B 110 1.15 21.19 28.02
N LEU B 111 1.08 22.48 27.75
CA LEU B 111 2.29 23.23 27.39
C LEU B 111 3.05 23.56 28.65
N VAL B 112 4.34 23.22 28.65
CA VAL B 112 5.22 23.61 29.73
C VAL B 112 6.35 24.44 29.13
N THR B 113 6.50 25.65 29.66
CA THR B 113 7.57 26.54 29.21
C THR B 113 8.53 26.77 30.36
N VAL B 114 9.81 26.46 30.13
CA VAL B 114 10.83 26.64 31.16
C VAL B 114 11.75 27.77 30.73
N SER B 115 11.76 28.84 31.51
CA SER B 115 12.52 30.02 31.16
C SER B 115 12.89 30.73 32.44
N ALA B 116 14.10 31.30 32.45
CA ALA B 116 14.56 32.14 33.54
C ALA B 116 14.17 33.61 33.33
N ALA B 117 13.48 33.90 32.23
CA ALA B 117 13.13 35.28 31.88
C ALA B 117 12.19 35.88 32.93
N LYS B 118 12.36 37.16 33.23
CA LYS B 118 11.40 37.88 34.05
C LYS B 118 10.25 38.26 33.11
N THR B 119 9.08 38.58 33.68
CA THR B 119 8.02 39.11 32.83
C THR B 119 8.55 40.34 32.11
N THR B 120 8.46 40.33 30.78
CA THR B 120 9.06 41.38 29.94
C THR B 120 8.08 41.85 28.87
N PRO B 121 7.81 43.16 28.81
CA PRO B 121 6.94 43.65 27.75
C PRO B 121 7.70 43.69 26.40
N PRO B 122 6.98 43.56 25.28
CA PRO B 122 7.63 43.60 23.97
C PRO B 122 8.14 44.98 23.57
N SER B 123 9.19 45.00 22.76
CA SER B 123 9.55 46.20 22.00
C SER B 123 8.79 46.05 20.70
N VAL B 124 8.17 47.12 20.23
CA VAL B 124 7.31 47.00 19.06
C VAL B 124 7.93 47.88 17.97
N TYR B 125 8.25 47.26 16.84
CA TYR B 125 8.97 47.92 15.75
C TYR B 125 8.14 47.93 14.48
N PRO B 126 8.15 49.06 13.75
CA PRO B 126 7.31 49.13 12.57
C PRO B 126 7.94 48.38 11.41
N LEU B 127 7.11 47.73 10.61
CA LEU B 127 7.57 47.02 9.42
C LEU B 127 6.99 47.75 8.20
N ALA B 128 7.84 48.42 7.46
CA ALA B 128 7.34 49.25 6.37
C ALA B 128 8.17 48.99 5.13
N PRO B 129 7.61 49.27 3.94
CA PRO B 129 8.48 49.30 2.77
C PRO B 129 9.36 50.55 2.86
N MET B 138 -2.01 47.37 -3.82
CA MET B 138 -1.96 46.91 -2.42
C MET B 138 -0.58 47.11 -1.79
N VAL B 139 -0.56 47.46 -0.51
CA VAL B 139 0.69 47.56 0.26
C VAL B 139 0.53 46.80 1.57
N THR B 140 1.58 46.06 1.94
CA THR B 140 1.59 45.29 3.16
C THR B 140 2.53 45.94 4.16
N LEU B 141 1.97 46.21 5.34
CA LEU B 141 2.67 46.79 6.48
C LEU B 141 2.70 45.80 7.61
N GLY B 142 3.55 46.02 8.59
CA GLY B 142 3.48 45.13 9.72
C GLY B 142 4.05 45.70 10.98
N CYS B 143 3.93 44.95 12.06
N CYS B 143 3.93 44.92 12.04
N CYS B 143 4.19 44.82 11.96
CA CYS B 143 4.69 45.29 13.25
CA CYS B 143 4.60 45.21 13.30
CA CYS B 143 4.47 45.18 13.33
C CYS B 143 5.35 44.04 13.81
C CYS B 143 5.38 43.98 13.73
C CYS B 143 5.27 44.05 14.02
N LEU B 144 6.58 44.25 14.25
CA LEU B 144 7.44 43.23 14.86
C LEU B 144 7.32 43.37 16.38
N VAL B 145 6.89 42.30 17.04
CA VAL B 145 6.60 42.34 18.47
C VAL B 145 7.73 41.48 19.07
N LYS B 146 8.75 42.15 19.59
CA LYS B 146 10.04 41.51 19.86
C LYS B 146 10.41 41.39 21.34
N GLY B 147 10.80 40.20 21.76
CA GLY B 147 11.48 40.02 23.04
C GLY B 147 10.56 40.17 24.24
N TYR B 148 9.39 39.54 24.19
CA TYR B 148 8.46 39.57 25.35
C TYR B 148 8.39 38.22 26.06
N PHE B 149 7.90 38.25 27.30
CA PHE B 149 7.71 37.01 28.06
C PHE B 149 6.74 37.23 29.21
N PRO B 150 5.83 36.29 29.47
CA PRO B 150 5.50 35.07 28.72
C PRO B 150 4.45 35.38 27.65
N GLU B 151 3.91 34.33 27.00
CA GLU B 151 2.81 34.48 26.06
C GLU B 151 1.54 34.77 26.89
N PRO B 152 0.52 35.38 26.27
CA PRO B 152 0.41 35.87 24.90
C PRO B 152 0.54 37.37 24.75
N VAL B 153 0.52 37.83 23.50
CA VAL B 153 0.25 39.22 23.17
C VAL B 153 -1.01 39.21 22.30
N THR B 154 -1.68 40.36 22.23
CA THR B 154 -2.74 40.52 21.25
C THR B 154 -2.35 41.69 20.36
N VAL B 155 -2.67 41.60 19.08
CA VAL B 155 -2.31 42.66 18.14
C VAL B 155 -3.59 43.08 17.39
N THR B 156 -3.87 44.37 17.38
CA THR B 156 -4.94 44.92 16.53
C THR B 156 -4.36 46.05 15.69
N TRP B 157 -5.13 46.44 14.69
CA TRP B 157 -4.73 47.47 13.74
C TRP B 157 -5.79 48.57 13.76
N ASN B 158 -5.33 49.81 13.91
CA ASN B 158 -6.23 50.96 14.02
C ASN B 158 -7.36 50.75 15.02
N SER B 159 -6.99 50.20 16.19
CA SER B 159 -7.89 49.89 17.31
C SER B 159 -8.99 48.90 16.93
N GLY B 160 -8.70 48.03 15.98
CA GLY B 160 -9.69 47.10 15.45
C GLY B 160 -10.49 47.58 14.25
N SER B 161 -10.26 48.82 13.81
CA SER B 161 -10.95 49.34 12.62
C SER B 161 -10.49 48.68 11.32
N LEU B 162 -9.22 48.29 11.26
CA LEU B 162 -8.67 47.54 10.12
C LEU B 162 -8.65 46.06 10.50
N SER B 163 -9.52 45.26 9.90
CA SER B 163 -9.60 43.85 10.28
C SER B 163 -9.37 42.92 9.09
N SER B 164 -9.77 43.39 7.91
CA SER B 164 -9.59 42.64 6.67
C SER B 164 -8.11 42.62 6.30
N GLY B 165 -7.61 41.47 5.86
CA GLY B 165 -6.22 41.36 5.44
C GLY B 165 -5.19 41.38 6.55
N VAL B 166 -5.63 41.16 7.80
CA VAL B 166 -4.71 41.09 8.91
C VAL B 166 -4.28 39.65 9.12
N HIS B 167 -2.97 39.45 9.25
CA HIS B 167 -2.41 38.16 9.64
C HIS B 167 -1.44 38.31 10.80
N THR B 168 -1.70 37.56 11.88
CA THR B 168 -0.77 37.58 13.02
C THR B 168 -0.17 36.18 13.14
N PHE B 169 1.15 36.13 13.08
CA PHE B 169 1.85 34.86 12.92
C PHE B 169 2.17 34.28 14.28
N PRO B 170 2.43 32.96 14.35
CA PRO B 170 2.80 32.32 15.62
C PRO B 170 4.13 32.86 16.12
N ALA B 171 4.30 32.87 17.44
CA ALA B 171 5.54 33.33 18.04
C ALA B 171 6.69 32.33 17.90
N VAL B 172 7.91 32.85 17.86
CA VAL B 172 9.11 32.02 17.97
C VAL B 172 9.68 32.31 19.36
N LEU B 173 10.10 31.26 20.08
CA LEU B 173 10.75 31.42 21.39
C LEU B 173 12.27 31.35 21.17
N GLN B 174 12.92 32.46 21.47
CA GLN B 174 14.30 32.74 21.08
C GLN B 174 15.00 33.38 22.27
N SER B 175 16.13 32.79 22.71
CA SER B 175 16.93 33.39 23.77
C SER B 175 16.08 33.71 24.99
N ASP B 176 15.31 32.70 25.39
CA ASP B 176 14.25 32.75 26.41
C ASP B 176 13.16 33.80 26.28
N LEU B 177 13.09 34.49 25.14
CA LEU B 177 12.01 35.45 24.88
C LEU B 177 11.29 35.20 23.55
N TYR B 178 10.04 35.62 23.51
CA TYR B 178 9.21 35.44 22.33
C TYR B 178 9.27 36.62 21.36
N THR B 179 9.12 36.31 20.09
CA THR B 179 8.98 37.34 19.04
C THR B 179 7.86 36.88 18.12
N LEU B 180 6.94 37.79 17.76
CA LEU B 180 6.06 37.50 16.65
C LEU B 180 5.91 38.73 15.75
N SER B 181 5.19 38.56 14.65
N SER B 181 5.18 38.56 14.65
CA SER B 181 4.89 39.69 13.78
CA SER B 181 4.89 39.66 13.74
C SER B 181 3.41 39.65 13.40
C SER B 181 3.42 39.65 13.37
N SER B 182 2.89 40.82 13.01
CA SER B 182 1.55 40.91 12.48
C SER B 182 1.65 41.76 11.23
N SER B 183 0.83 41.47 10.23
CA SER B 183 0.83 42.27 9.02
C SER B 183 -0.58 42.66 8.67
N VAL B 184 -0.69 43.73 7.90
CA VAL B 184 -1.97 44.12 7.31
C VAL B 184 -1.71 44.63 5.90
N THR B 185 -2.59 44.23 4.99
CA THR B 185 -2.52 44.63 3.60
C THR B 185 -3.66 45.61 3.34
N VAL B 186 -3.29 46.79 2.85
CA VAL B 186 -4.24 47.88 2.60
C VAL B 186 -4.03 48.41 1.18
N PRO B 187 -5.08 49.00 0.57
CA PRO B 187 -4.89 49.65 -0.73
C PRO B 187 -3.75 50.67 -0.71
N SER B 188 -2.89 50.65 -1.72
CA SER B 188 -1.69 51.49 -1.70
C SER B 188 -2.04 52.98 -1.81
N SER B 189 -3.23 53.24 -2.31
CA SER B 189 -3.79 54.59 -2.36
C SER B 189 -4.20 55.09 -0.98
N THR B 190 -4.28 54.17 -0.01
CA THR B 190 -4.79 54.48 1.31
C THR B 190 -3.68 54.70 2.35
N TRP B 191 -2.49 54.14 2.11
CA TRP B 191 -1.30 54.40 2.92
C TRP B 191 -0.14 54.87 2.02
N PRO B 192 0.64 55.88 2.46
CA PRO B 192 0.64 56.54 3.76
C PRO B 192 -0.32 57.72 3.89
N SER B 193 -1.26 57.85 2.94
CA SER B 193 -2.28 58.90 2.97
C SER B 193 -2.90 59.01 4.36
N GLU B 194 -3.49 57.91 4.84
CA GLU B 194 -4.01 57.86 6.20
C GLU B 194 -3.16 56.99 7.10
N THR B 195 -3.29 57.23 8.40
CA THR B 195 -2.47 56.58 9.39
C THR B 195 -2.88 55.11 9.58
N VAL B 196 -1.87 54.25 9.71
CA VAL B 196 -2.04 52.83 10.05
C VAL B 196 -1.18 52.60 11.28
N THR B 197 -1.79 52.05 12.34
CA THR B 197 -1.15 51.92 13.64
C THR B 197 -1.45 50.52 14.18
N CYS B 198 -0.42 49.87 14.72
N CYS B 198 -0.42 49.82 14.63
N CYS B 198 -0.42 49.82 14.63
CA CYS B 198 -0.51 48.56 15.37
CA CYS B 198 -0.67 48.60 15.38
CA CYS B 198 -0.64 48.57 15.36
C CYS B 198 -0.59 48.71 16.89
C CYS B 198 -0.78 48.92 16.85
C CYS B 198 -0.72 48.84 16.85
N ASN B 199 -1.61 48.13 17.52
CA ASN B 199 -1.82 48.24 18.97
C ASN B 199 -1.52 46.89 19.58
N VAL B 200 -0.55 46.86 20.49
CA VAL B 200 -0.03 45.60 20.98
C VAL B 200 -0.19 45.56 22.49
N ALA B 201 -0.91 44.57 23.00
CA ALA B 201 -1.14 44.41 24.42
C ALA B 201 -0.41 43.17 24.90
N HIS B 202 0.20 43.26 26.09
CA HIS B 202 0.89 42.13 26.70
C HIS B 202 0.31 41.98 28.10
N PRO B 203 -0.73 41.15 28.24
CA PRO B 203 -1.42 41.03 29.53
C PRO B 203 -0.49 40.78 30.73
N ALA B 204 0.55 39.95 30.57
CA ALA B 204 1.38 39.58 31.73
C ALA B 204 2.11 40.76 32.37
N SER B 205 2.51 41.74 31.55
CA SER B 205 3.19 42.96 32.02
C SER B 205 2.19 44.12 32.18
N SER B 206 0.94 43.86 31.84
CA SER B 206 -0.14 44.85 31.90
C SER B 206 0.12 46.09 31.01
N THR B 207 0.84 45.87 29.92
N THR B 207 0.79 45.88 29.88
CA THR B 207 1.24 46.95 29.03
CA THR B 207 1.35 46.95 29.05
C THR B 207 0.42 46.95 27.74
C THR B 207 0.74 46.97 27.63
N LYS B 208 0.30 48.15 27.17
CA LYS B 208 -0.19 48.30 25.79
C LYS B 208 0.59 49.41 25.10
N VAL B 209 0.99 49.19 23.84
CA VAL B 209 1.71 50.23 23.10
C VAL B 209 1.14 50.32 21.68
N ASP B 210 1.09 51.53 21.15
CA ASP B 210 0.73 51.78 19.76
C ASP B 210 1.97 52.14 18.99
N LYS B 211 2.05 51.64 17.75
CA LYS B 211 3.12 52.04 16.87
C LYS B 211 2.55 52.40 15.51
N LYS B 212 2.65 53.68 15.16
CA LYS B 212 2.22 54.15 13.87
C LYS B 212 3.26 53.75 12.83
N ILE B 213 2.80 53.29 11.66
CA ILE B 213 3.69 52.87 10.60
C ILE B 213 3.90 54.01 9.61
N VAL B 214 5.16 54.44 9.52
CA VAL B 214 5.57 55.56 8.66
C VAL B 214 6.48 55.00 7.54
N PRO B 215 6.51 55.62 6.35
CA PRO B 215 7.45 55.15 5.33
C PRO B 215 8.88 55.06 5.88
N ARG B 216 9.66 54.07 5.45
CA ARG B 216 10.99 53.85 6.04
C ARG B 216 12.04 54.85 5.54
N PRO C 1 2.63 -12.69 16.88
CA PRO C 1 3.79 -11.87 17.20
C PRO C 1 4.35 -12.13 18.59
N ARG C 2 5.58 -11.69 18.83
CA ARG C 2 6.17 -11.68 20.18
C ARG C 2 5.40 -10.68 21.02
N GLY C 3 5.06 -11.07 22.25
CA GLY C 3 4.13 -10.32 23.10
C GLY C 3 4.55 -8.91 23.44
N TYR C 4 3.58 -8.04 23.69
CA TYR C 4 3.82 -6.66 24.10
C TYR C 4 3.77 -6.61 25.61
N PRO C 5 4.84 -6.13 26.27
CA PRO C 5 4.90 -6.23 27.73
C PRO C 5 4.16 -5.12 28.51
N GLY C 6 3.48 -4.24 27.79
CA GLY C 6 2.72 -3.14 28.40
C GLY C 6 1.38 -3.61 28.92
N GLN C 7 0.68 -2.75 29.66
CA GLN C 7 -0.60 -3.12 30.28
C GLN C 7 -1.76 -2.85 29.33
N VAL C 8 -2.18 -3.92 28.66
CA VAL C 8 -3.27 -3.88 27.66
C VAL C 8 -4.32 -4.91 28.07
N THR D 2 12.69 -2.82 -21.04
CA THR D 2 11.51 -2.54 -20.17
C THR D 2 10.94 -3.80 -19.54
N VAL D 3 11.15 -3.89 -18.23
CA VAL D 3 10.73 -5.00 -17.43
C VAL D 3 9.73 -4.31 -16.52
N VAL D 4 8.63 -4.99 -16.22
CA VAL D 4 7.70 -4.55 -15.20
C VAL D 4 7.81 -5.56 -14.04
N THR D 5 7.95 -5.09 -12.81
CA THR D 5 8.25 -5.97 -11.67
C THR D 5 7.18 -5.88 -10.60
N GLN D 6 6.72 -7.05 -10.13
CA GLN D 6 5.76 -7.17 -9.04
C GLN D 6 6.30 -8.06 -7.93
N GLU D 7 5.74 -7.98 -6.72
CA GLU D 7 6.12 -8.94 -5.68
C GLU D 7 5.76 -10.32 -6.20
N SER D 8 6.58 -11.34 -5.93
CA SER D 8 6.24 -12.65 -6.47
C SER D 8 5.06 -13.27 -5.69
N ALA D 9 4.97 -12.97 -4.40
CA ALA D 9 3.99 -13.62 -3.54
C ALA D 9 3.75 -12.78 -2.28
N LEU D 10 2.48 -12.66 -1.90
CA LEU D 10 2.10 -12.00 -0.65
C LEU D 10 1.06 -12.87 0.06
N THR D 11 1.04 -12.83 1.39
CA THR D 11 0.04 -13.56 2.17
C THR D 11 -0.71 -12.54 3.02
N THR D 12 -2.03 -12.66 3.07
CA THR D 12 -2.87 -11.78 3.89
C THR D 12 -3.95 -12.63 4.54
N SER D 13 -4.75 -12.04 5.41
CA SER D 13 -5.79 -12.82 6.08
C SER D 13 -7.09 -12.10 5.76
N PRO D 14 -8.21 -12.82 5.87
CA PRO D 14 -9.49 -12.19 5.52
C PRO D 14 -9.78 -10.95 6.34
N GLY D 15 -10.24 -9.90 5.68
CA GLY D 15 -10.56 -8.66 6.36
C GLY D 15 -9.42 -7.66 6.33
N GLU D 16 -8.21 -8.13 6.07
CA GLU D 16 -7.04 -7.23 6.07
C GLU D 16 -6.97 -6.38 4.81
N THR D 17 -6.15 -5.33 4.88
CA THR D 17 -5.80 -4.55 3.70
C THR D 17 -4.50 -5.08 3.16
N VAL D 18 -4.48 -5.30 1.86
CA VAL D 18 -3.25 -5.71 1.22
C VAL D 18 -2.99 -4.82 0.00
N THR D 19 -1.72 -4.51 -0.20
CA THR D 19 -1.31 -3.59 -1.26
C THR D 19 -0.28 -4.30 -2.13
N LEU D 20 -0.57 -4.33 -3.43
CA LEU D 20 0.30 -4.96 -4.41
C LEU D 20 0.92 -3.86 -5.24
N THR D 21 2.18 -4.00 -5.59
CA THR D 21 2.82 -2.93 -6.34
C THR D 21 3.42 -3.36 -7.68
N CYS D 22 3.66 -2.37 -8.53
N CYS D 22 3.63 -2.38 -8.55
CA CYS D 22 4.01 -2.59 -9.92
CA CYS D 22 4.03 -2.62 -9.91
C CYS D 22 5.05 -1.54 -10.27
C CYS D 22 5.05 -1.55 -10.27
N ARG D 23 6.29 -1.98 -10.46
CA ARG D 23 7.42 -1.09 -10.70
C ARG D 23 7.81 -1.10 -12.19
N SER D 24 8.16 0.06 -12.72
CA SER D 24 8.71 0.19 -14.06
C SER D 24 10.24 0.29 -13.99
N SER D 25 10.94 -0.40 -14.88
CA SER D 25 12.41 -0.38 -14.88
C SER D 25 12.97 0.94 -15.43
N THR D 26 12.14 1.66 -16.18
CA THR D 26 12.50 3.01 -16.63
C THR D 26 11.66 4.00 -15.83
N GLY D 27 12.12 4.26 -14.61
CA GLY D 27 11.65 5.40 -13.82
C GLY D 27 10.27 5.28 -13.23
N ALA D 28 9.75 6.40 -12.75
CA ALA D 28 8.47 6.44 -12.09
C ALA D 28 7.36 5.95 -13.00
N VAL D 29 6.37 5.29 -12.42
CA VAL D 29 5.12 5.00 -13.12
C VAL D 29 4.27 6.25 -13.02
N THR D 30 3.72 6.70 -14.14
CA THR D 30 2.80 7.85 -14.12
C THR D 30 1.44 7.46 -14.68
N THR D 31 0.48 8.38 -14.67
CA THR D 31 -0.81 8.08 -15.27
C THR D 31 -0.68 7.85 -16.79
N SER D 32 0.41 8.34 -17.39
CA SER D 32 0.65 8.14 -18.83
C SER D 32 0.97 6.70 -19.18
N ASN D 33 1.18 5.88 -18.15
CA ASN D 33 1.43 4.44 -18.30
C ASN D 33 0.16 3.60 -18.21
N TYR D 34 -0.98 4.25 -18.00
CA TYR D 34 -2.30 3.60 -17.96
C TYR D 34 -2.31 2.26 -17.24
N ALA D 35 -1.79 2.23 -16.01
CA ALA D 35 -1.67 0.96 -15.29
C ALA D 35 -2.98 0.19 -15.24
N ASN D 36 -2.89 -1.09 -15.59
CA ASN D 36 -4.02 -2.00 -15.75
C ASN D 36 -3.76 -3.16 -14.80
N TRP D 37 -4.76 -3.53 -13.99
CA TRP D 37 -4.60 -4.65 -13.04
C TRP D 37 -5.60 -5.72 -13.44
N VAL D 38 -5.12 -6.96 -13.54
CA VAL D 38 -5.95 -8.09 -13.96
C VAL D 38 -5.81 -9.23 -12.94
N GLN D 39 -6.88 -9.96 -12.69
CA GLN D 39 -6.81 -11.08 -11.74
C GLN D 39 -6.93 -12.40 -12.51
N GLU D 40 -6.14 -13.40 -12.14
CA GLU D 40 -6.25 -14.72 -12.74
C GLU D 40 -6.63 -15.73 -11.66
N LYS D 41 -7.73 -16.44 -11.88
CA LYS D 41 -8.09 -17.59 -11.07
C LYS D 41 -8.05 -18.88 -11.89
N PRO D 42 -7.95 -20.06 -11.23
CA PRO D 42 -7.97 -21.32 -11.99
C PRO D 42 -9.33 -21.60 -12.68
N ASP D 43 -9.33 -22.20 -13.87
CA ASP D 43 -8.14 -22.49 -14.66
C ASP D 43 -8.04 -21.45 -15.78
N HIS D 44 -7.03 -20.61 -15.71
CA HIS D 44 -6.81 -19.56 -16.72
C HIS D 44 -7.99 -18.60 -16.85
N LEU D 45 -8.63 -18.25 -15.74
CA LEU D 45 -9.75 -17.31 -15.77
C LEU D 45 -9.34 -15.88 -15.42
N PHE D 46 -9.25 -15.03 -16.43
CA PHE D 46 -8.78 -13.65 -16.19
C PHE D 46 -9.92 -12.63 -16.15
N THR D 47 -9.82 -11.70 -15.21
CA THR D 47 -10.78 -10.61 -15.00
C THR D 47 -10.06 -9.26 -14.87
N GLY D 48 -10.45 -8.27 -15.67
CA GLY D 48 -9.87 -6.93 -15.51
C GLY D 48 -10.45 -6.27 -14.27
N LEU D 49 -9.59 -5.64 -13.48
CA LEU D 49 -10.02 -5.02 -12.24
C LEU D 49 -9.98 -3.50 -12.32
N ILE D 50 -8.83 -2.99 -12.72
CA ILE D 50 -8.55 -1.56 -12.78
C ILE D 50 -7.95 -1.22 -14.13
N VAL D 51 -8.36 -0.07 -14.70
CA VAL D 51 -7.76 0.47 -15.92
C VAL D 51 -7.40 1.93 -15.66
N GLY D 52 -6.44 2.46 -16.40
CA GLY D 52 -6.14 3.89 -16.28
C GLY D 52 -5.74 4.29 -14.87
N THR D 53 -4.91 3.45 -14.24
CA THR D 53 -4.35 3.69 -12.90
C THR D 53 -5.33 3.47 -11.75
N ASN D 54 -6.51 4.09 -11.84
CA ASN D 54 -7.39 4.12 -10.69
C ASN D 54 -8.89 3.98 -11.04
N ASN D 55 -9.18 3.58 -12.27
CA ASN D 55 -10.57 3.42 -12.70
C ASN D 55 -11.04 1.98 -12.54
N ARG D 56 -12.00 1.75 -11.64
CA ARG D 56 -12.51 0.41 -11.38
C ARG D 56 -13.42 -0.02 -12.54
N VAL D 57 -13.21 -1.22 -13.08
CA VAL D 57 -14.06 -1.77 -14.14
C VAL D 57 -15.47 -2.00 -13.58
N PRO D 58 -16.53 -1.60 -14.31
CA PRO D 58 -17.86 -1.76 -13.69
C PRO D 58 -18.16 -3.20 -13.29
N GLY D 59 -18.76 -3.39 -12.11
CA GLY D 59 -19.00 -4.73 -11.59
C GLY D 59 -17.93 -5.31 -10.69
N VAL D 60 -16.73 -4.73 -10.72
CA VAL D 60 -15.64 -5.15 -9.83
C VAL D 60 -16.00 -4.63 -8.44
N PRO D 61 -15.85 -5.45 -7.39
CA PRO D 61 -16.23 -5.04 -6.05
C PRO D 61 -15.46 -3.78 -5.62
N PRO D 62 -16.13 -2.89 -4.85
CA PRO D 62 -15.53 -1.64 -4.42
C PRO D 62 -14.27 -1.79 -3.58
N ARG D 63 -14.04 -2.96 -2.98
CA ARG D 63 -12.80 -3.16 -2.21
C ARG D 63 -11.50 -3.07 -3.00
N PHE D 64 -11.57 -3.15 -4.33
CA PHE D 64 -10.36 -3.01 -5.17
C PHE D 64 -10.20 -1.54 -5.55
N SER D 65 -9.00 -0.97 -5.34
CA SER D 65 -8.74 0.38 -5.87
C SER D 65 -7.31 0.49 -6.37
N GLY D 66 -7.07 1.44 -7.25
CA GLY D 66 -5.74 1.61 -7.83
C GLY D 66 -5.22 2.99 -7.46
N SER D 67 -3.89 3.12 -7.37
CA SER D 67 -3.28 4.39 -7.02
C SER D 67 -1.83 4.30 -7.48
N LEU D 68 -1.11 5.39 -7.27
CA LEU D 68 0.35 5.41 -7.40
C LEU D 68 0.91 5.60 -6.00
N ILE D 69 1.93 4.82 -5.67
CA ILE D 69 2.62 4.94 -4.40
C ILE D 69 4.09 5.11 -4.73
N GLY D 70 4.64 6.26 -4.34
CA GLY D 70 5.99 6.66 -4.73
C GLY D 70 6.15 6.51 -6.22
N ASP D 71 7.14 5.73 -6.62
CA ASP D 71 7.46 5.54 -8.03
C ASP D 71 6.66 4.43 -8.73
N LYS D 72 5.69 3.83 -8.04
CA LYS D 72 5.05 2.59 -8.50
C LYS D 72 3.53 2.71 -8.64
N ALA D 73 2.93 1.82 -9.44
CA ALA D 73 1.47 1.66 -9.41
C ALA D 73 1.13 0.68 -8.30
N ALA D 74 -0.08 0.79 -7.75
CA ALA D 74 -0.49 -0.04 -6.63
C ALA D 74 -1.94 -0.41 -6.79
N LEU D 75 -2.23 -1.66 -6.42
CA LEU D 75 -3.60 -2.16 -6.30
C LEU D 75 -3.77 -2.44 -4.82
N THR D 76 -4.80 -1.82 -4.23
CA THR D 76 -5.12 -2.06 -2.83
C THR D 76 -6.42 -2.84 -2.78
N ILE D 77 -6.42 -3.88 -1.96
CA ILE D 77 -7.67 -4.57 -1.62
C ILE D 77 -7.97 -4.25 -0.15
N THR D 78 -9.02 -3.48 0.08
CA THR D 78 -9.37 -3.04 1.42
C THR D 78 -10.44 -3.98 1.98
N GLY D 79 -10.02 -4.93 2.83
CA GLY D 79 -10.96 -5.91 3.42
C GLY D 79 -10.98 -7.16 2.54
N ALA D 80 -9.85 -7.83 2.46
CA ALA D 80 -9.69 -9.00 1.60
C ALA D 80 -10.67 -10.13 1.96
N GLN D 81 -11.17 -10.77 0.91
CA GLN D 81 -12.11 -11.89 1.02
C GLN D 81 -11.36 -13.16 0.65
N THR D 82 -11.80 -14.31 1.15
CA THR D 82 -11.14 -15.57 0.78
C THR D 82 -11.12 -15.72 -0.75
N GLU D 83 -12.18 -15.28 -1.45
CA GLU D 83 -12.23 -15.41 -2.93
C GLU D 83 -11.17 -14.57 -3.67
N ASP D 84 -10.49 -13.70 -2.95
CA ASP D 84 -9.46 -12.85 -3.56
C ASP D 84 -8.12 -13.55 -3.70
N GLU D 85 -8.02 -14.76 -3.16
CA GLU D 85 -6.84 -15.57 -3.39
C GLU D 85 -6.77 -15.86 -4.89
N ALA D 86 -5.67 -15.44 -5.53
CA ALA D 86 -5.56 -15.43 -6.98
C ALA D 86 -4.17 -14.87 -7.36
N ILE D 87 -3.88 -14.84 -8.66
CA ILE D 87 -2.64 -14.21 -9.14
C ILE D 87 -3.09 -12.86 -9.72
N TYR D 88 -2.33 -11.80 -9.42
CA TYR D 88 -2.66 -10.44 -9.89
C TYR D 88 -1.53 -9.99 -10.80
N PHE D 89 -1.89 -9.59 -12.02
CA PHE D 89 -0.94 -9.05 -12.94
C PHE D 89 -1.19 -7.56 -13.15
N CYS D 90 -0.11 -6.81 -13.36
N CYS D 90 -0.13 -6.78 -13.29
CA CYS D 90 -0.15 -5.38 -13.73
CA CYS D 90 -0.27 -5.43 -13.80
C CYS D 90 0.44 -5.21 -15.12
C CYS D 90 0.24 -5.41 -15.24
N ALA D 91 -0.20 -4.41 -15.98
CA ALA D 91 0.33 -4.14 -17.32
C ALA D 91 0.51 -2.63 -17.39
N LEU D 92 1.66 -2.21 -17.93
CA LEU D 92 1.96 -0.80 -18.13
C LEU D 92 2.09 -0.48 -19.62
N TRP D 93 1.61 0.70 -20.00
CA TRP D 93 1.74 1.21 -21.35
C TRP D 93 3.00 2.06 -21.43
N TYR D 94 3.93 1.64 -22.28
CA TYR D 94 5.18 2.38 -22.51
C TYR D 94 5.27 3.02 -23.90
N SER D 95 4.55 4.13 -24.10
CA SER D 95 4.64 4.91 -25.33
C SER D 95 4.08 4.24 -26.60
N ASN D 96 4.38 2.96 -26.79
CA ASN D 96 3.99 2.25 -28.01
C ASN D 96 3.82 0.73 -27.81
N HIS D 97 3.88 0.27 -26.58
CA HIS D 97 3.66 -1.16 -26.32
C HIS D 97 3.20 -1.43 -24.89
N TRP D 98 2.41 -2.51 -24.73
CA TRP D 98 2.03 -2.99 -23.40
C TRP D 98 3.07 -3.99 -22.91
N VAL D 99 3.45 -3.87 -21.64
CA VAL D 99 4.34 -4.83 -20.97
C VAL D 99 3.64 -5.30 -19.69
N PHE D 100 3.61 -6.61 -19.48
CA PHE D 100 3.06 -7.19 -18.27
C PHE D 100 4.14 -7.48 -17.22
N GLY D 101 3.77 -7.30 -15.95
CA GLY D 101 4.59 -7.75 -14.82
C GLY D 101 4.50 -9.27 -14.70
N GLY D 102 5.29 -9.83 -13.79
CA GLY D 102 5.43 -11.28 -13.66
C GLY D 102 4.30 -11.93 -12.86
N GLY D 103 3.44 -11.11 -12.27
CA GLY D 103 2.35 -11.60 -11.43
C GLY D 103 2.69 -11.72 -9.95
N THR D 104 1.69 -11.51 -9.09
CA THR D 104 1.83 -11.68 -7.65
C THR D 104 0.83 -12.74 -7.22
N LYS D 105 1.31 -13.84 -6.65
CA LYS D 105 0.43 -14.83 -6.06
C LYS D 105 -0.01 -14.36 -4.69
N LEU D 106 -1.29 -14.01 -4.59
CA LEU D 106 -1.86 -13.58 -3.30
C LEU D 106 -2.52 -14.77 -2.62
N THR D 107 -1.98 -15.13 -1.46
CA THR D 107 -2.58 -16.18 -0.63
C THR D 107 -3.46 -15.45 0.38
N VAL D 108 -4.71 -15.88 0.52
CA VAL D 108 -5.55 -15.38 1.60
C VAL D 108 -5.82 -16.55 2.53
N LEU D 109 -5.45 -16.42 3.78
CA LEU D 109 -5.59 -17.50 4.75
C LEU D 109 -7.06 -17.64 5.15
N GLY D 110 -7.37 -18.65 5.96
CA GLY D 110 -8.75 -18.89 6.42
C GLY D 110 -9.70 -19.28 5.31
N GLN D 111 -9.19 -19.98 4.30
CA GLN D 111 -10.02 -20.59 3.24
C GLN D 111 -11.00 -21.61 3.79
N PRO D 112 -12.20 -21.69 3.16
CA PRO D 112 -13.09 -22.80 3.49
C PRO D 112 -12.37 -24.08 3.09
N LYS D 113 -12.35 -25.07 3.96
CA LYS D 113 -11.45 -26.22 3.78
C LYS D 113 -12.22 -27.47 3.38
N SER D 114 -11.76 -28.15 2.34
CA SER D 114 -12.22 -29.50 2.10
C SER D 114 -11.02 -30.43 1.93
N SER D 115 -10.95 -31.47 2.76
CA SER D 115 -9.81 -32.40 2.77
C SER D 115 -9.85 -33.34 1.58
N PRO D 116 -8.67 -33.69 1.04
CA PRO D 116 -8.62 -34.55 -0.13
C PRO D 116 -9.05 -35.99 0.14
N SER D 117 -9.72 -36.58 -0.84
N SER D 117 -9.75 -36.58 -0.82
CA SER D 117 -10.00 -38.00 -0.87
CA SER D 117 -9.98 -38.03 -0.84
C SER D 117 -8.89 -38.68 -1.68
C SER D 117 -8.88 -38.67 -1.67
N VAL D 118 -8.15 -39.59 -1.06
CA VAL D 118 -6.96 -40.18 -1.69
C VAL D 118 -7.13 -41.68 -1.96
N THR D 119 -6.77 -42.10 -3.17
CA THR D 119 -6.80 -43.51 -3.54
C THR D 119 -5.45 -43.88 -4.18
N LEU D 120 -4.89 -45.00 -3.76
CA LEU D 120 -3.67 -45.54 -4.35
C LEU D 120 -4.01 -46.84 -5.06
N PHE D 121 -3.63 -46.93 -6.34
CA PHE D 121 -3.85 -48.13 -7.13
C PHE D 121 -2.51 -48.82 -7.42
N PRO D 122 -2.48 -50.16 -7.35
CA PRO D 122 -1.27 -50.89 -7.70
C PRO D 122 -1.11 -51.00 -9.21
N PRO D 123 0.06 -51.44 -9.68
CA PRO D 123 0.16 -51.69 -11.12
C PRO D 123 -0.75 -52.84 -11.58
N SER D 124 -1.22 -52.77 -12.82
CA SER D 124 -2.01 -53.86 -13.38
C SER D 124 -1.10 -54.98 -13.91
N SER D 125 -1.65 -56.19 -13.99
CA SER D 125 -0.90 -57.31 -14.55
C SER D 125 -0.55 -57.07 -16.00
N GLU D 126 -1.47 -56.46 -16.75
CA GLU D 126 -1.19 -56.13 -18.15
C GLU D 126 0.02 -55.22 -18.26
N GLU D 127 0.13 -54.21 -17.39
CA GLU D 127 1.29 -53.34 -17.46
C GLU D 127 2.57 -54.08 -17.07
N LEU D 128 2.51 -54.91 -16.04
CA LEU D 128 3.70 -55.63 -15.57
C LEU D 128 4.24 -56.56 -16.66
N GLU D 129 3.35 -57.00 -17.54
CA GLU D 129 3.77 -57.83 -18.66
C GLU D 129 4.64 -57.05 -19.65
N THR D 130 4.62 -55.73 -19.57
CA THR D 130 5.49 -54.90 -20.39
C THR D 130 6.78 -54.54 -19.63
N ASN D 131 6.95 -55.08 -18.43
CA ASN D 131 8.14 -54.85 -17.60
C ASN D 131 8.20 -53.46 -16.97
N LYS D 132 7.03 -52.82 -16.89
CA LYS D 132 6.89 -51.50 -16.27
C LYS D 132 5.85 -51.61 -15.16
N ALA D 133 5.91 -50.69 -14.21
CA ALA D 133 4.99 -50.70 -13.09
C ALA D 133 4.69 -49.26 -12.72
N THR D 134 3.43 -48.85 -12.86
CA THR D 134 3.03 -47.51 -12.48
C THR D 134 2.03 -47.59 -11.33
N LEU D 135 2.32 -46.89 -10.23
CA LEU D 135 1.34 -46.76 -9.15
C LEU D 135 0.67 -45.42 -9.38
N VAL D 136 -0.64 -45.38 -9.15
CA VAL D 136 -1.43 -44.18 -9.44
C VAL D 136 -2.09 -43.73 -8.14
N CYS D 137 -1.77 -42.51 -7.74
N CYS D 137 -1.81 -42.50 -7.74
CA CYS D 137 -2.38 -41.91 -6.57
CA CYS D 137 -2.37 -41.93 -6.51
C CYS D 137 -3.33 -40.84 -7.11
C CYS D 137 -3.30 -40.75 -6.84
N THR D 138 -4.62 -41.01 -6.83
CA THR D 138 -5.59 -40.02 -7.25
C THR D 138 -6.04 -39.21 -6.04
N ILE D 139 -6.36 -37.94 -6.27
CA ILE D 139 -6.58 -37.02 -5.16
C ILE D 139 -7.71 -36.09 -5.59
N THR D 140 -8.86 -36.15 -4.92
CA THR D 140 -10.01 -35.40 -5.36
C THR D 140 -10.69 -34.63 -4.23
N ASP D 141 -11.58 -33.72 -4.61
CA ASP D 141 -12.44 -32.97 -3.68
C ASP D 141 -11.70 -32.17 -2.60
N PHE D 142 -10.52 -31.63 -2.94
CA PHE D 142 -9.82 -30.78 -1.99
C PHE D 142 -10.02 -29.29 -2.26
N TYR D 143 -9.97 -28.50 -1.20
CA TYR D 143 -10.04 -27.04 -1.30
C TYR D 143 -9.39 -26.45 -0.04
N PRO D 144 -8.48 -25.47 -0.18
CA PRO D 144 -7.98 -24.88 -1.44
C PRO D 144 -7.16 -25.86 -2.28
N GLY D 145 -6.76 -25.39 -3.47
CA GLY D 145 -6.21 -26.28 -4.47
C GLY D 145 -4.70 -26.41 -4.39
N VAL D 146 -4.18 -26.53 -3.18
CA VAL D 146 -2.74 -26.71 -2.97
C VAL D 146 -2.50 -28.00 -2.17
N VAL D 147 -1.72 -28.91 -2.76
CA VAL D 147 -1.26 -30.13 -2.06
C VAL D 147 0.23 -30.36 -2.30
N THR D 148 0.87 -31.05 -1.36
CA THR D 148 2.17 -31.67 -1.64
C THR D 148 2.01 -33.18 -1.55
N VAL D 149 2.59 -33.87 -2.53
CA VAL D 149 2.52 -35.32 -2.60
C VAL D 149 3.93 -35.89 -2.45
N ASP D 150 4.11 -36.72 -1.43
CA ASP D 150 5.39 -37.37 -1.16
C ASP D 150 5.23 -38.87 -1.34
N TRP D 151 6.20 -39.47 -2.04
CA TRP D 151 6.23 -40.91 -2.21
C TRP D 151 7.29 -41.54 -1.31
N LYS D 152 6.90 -42.64 -0.66
CA LYS D 152 7.84 -43.44 0.13
C LYS D 152 7.81 -44.86 -0.40
N VAL D 153 9.03 -45.44 -0.65
CA VAL D 153 9.16 -46.86 -0.99
C VAL D 153 9.88 -47.59 0.15
N ASP D 154 9.17 -48.54 0.78
CA ASP D 154 9.73 -49.33 1.90
C ASP D 154 10.28 -48.37 2.99
N GLY D 155 9.46 -47.34 3.38
CA GLY D 155 9.80 -46.39 4.49
C GLY D 155 10.75 -45.25 4.14
N THR D 156 11.15 -45.23 2.74
CA THR D 156 12.18 -44.25 2.35
C THR D 156 11.67 -43.30 1.27
N PRO D 157 12.15 -42.05 1.29
CA PRO D 157 11.79 -40.98 0.35
C PRO D 157 12.12 -41.33 -1.10
N VAL D 158 11.16 -41.14 -2.00
CA VAL D 158 11.39 -41.26 -3.44
C VAL D 158 11.78 -39.89 -4.01
N THR D 159 12.96 -39.82 -4.61
CA THR D 159 13.51 -38.56 -5.13
C THR D 159 13.41 -38.45 -6.66
N GLN D 160 13.02 -39.54 -7.32
CA GLN D 160 12.88 -39.57 -8.78
C GLN D 160 11.80 -40.55 -9.25
N GLY D 161 11.38 -40.38 -10.50
CA GLY D 161 10.40 -41.27 -11.10
C GLY D 161 8.95 -40.90 -10.81
N MET D 162 8.75 -39.71 -10.25
CA MET D 162 7.41 -39.19 -10.00
C MET D 162 7.04 -38.06 -10.95
N GLU D 163 5.74 -37.98 -11.22
CA GLU D 163 5.13 -36.89 -11.95
C GLU D 163 3.81 -36.68 -11.21
N THR D 164 3.59 -35.46 -10.73
CA THR D 164 2.32 -35.09 -10.11
C THR D 164 1.71 -33.98 -10.95
N THR D 165 0.40 -34.01 -11.17
CA THR D 165 -0.24 -32.98 -11.96
C THR D 165 -0.46 -31.73 -11.10
N GLN D 166 -0.53 -30.58 -11.74
CA GLN D 166 -1.04 -29.38 -11.09
C GLN D 166 -2.51 -29.62 -10.77
N PRO D 167 -2.97 -29.19 -9.58
CA PRO D 167 -4.40 -29.25 -9.25
C PRO D 167 -5.23 -28.53 -10.30
N SER D 168 -6.35 -29.12 -10.71
CA SER D 168 -7.28 -28.43 -11.59
C SER D 168 -8.70 -28.56 -11.04
N LYS D 169 -9.58 -27.65 -11.45
N LYS D 169 -9.57 -27.66 -11.49
CA LYS D 169 -10.90 -27.55 -10.84
CA LYS D 169 -10.95 -27.58 -11.01
C LYS D 169 -11.88 -28.61 -11.37
C LYS D 169 -11.79 -28.78 -11.38
N GLN D 170 -12.64 -29.20 -10.44
CA GLN D 170 -13.66 -30.19 -10.74
C GLN D 170 -14.95 -29.42 -11.02
N SER D 171 -16.01 -30.13 -11.42
CA SER D 171 -17.33 -29.54 -11.62
C SER D 171 -17.91 -28.87 -10.38
N ASN D 172 -17.57 -29.39 -9.19
CA ASN D 172 -18.08 -28.78 -7.95
C ASN D 172 -17.19 -27.68 -7.39
N ASN D 173 -16.25 -27.19 -8.20
CA ASN D 173 -15.35 -26.09 -7.82
C ASN D 173 -14.31 -26.46 -6.76
N LYS D 174 -14.22 -27.75 -6.44
CA LYS D 174 -13.10 -28.27 -5.66
C LYS D 174 -12.02 -28.68 -6.66
N TYR D 175 -10.92 -29.23 -6.17
CA TYR D 175 -9.77 -29.51 -7.01
C TYR D 175 -9.44 -31.00 -7.00
N MET D 176 -8.79 -31.43 -8.08
CA MET D 176 -8.32 -32.80 -8.23
C MET D 176 -6.89 -32.80 -8.75
N ALA D 177 -6.13 -33.84 -8.42
CA ALA D 177 -4.78 -34.03 -8.94
C ALA D 177 -4.42 -35.52 -8.89
N SER D 178 -3.42 -35.91 -9.69
CA SER D 178 -2.95 -37.29 -9.66
C SER D 178 -1.44 -37.33 -9.59
N SER D 179 -0.92 -38.37 -8.94
CA SER D 179 0.52 -38.56 -8.88
C SER D 179 0.83 -39.95 -9.38
N TYR D 180 1.94 -40.06 -10.10
CA TYR D 180 2.39 -41.34 -10.64
C TYR D 180 3.80 -41.63 -10.15
N LEU D 181 4.04 -42.89 -9.82
CA LEU D 181 5.35 -43.41 -9.52
C LEU D 181 5.57 -44.54 -10.51
N THR D 182 6.56 -44.35 -11.37
CA THR D 182 6.83 -45.28 -12.45
C THR D 182 8.12 -46.01 -12.13
N LEU D 183 8.03 -47.34 -12.06
CA LEU D 183 9.11 -48.25 -11.71
C LEU D 183 9.16 -49.29 -12.81
N THR D 184 10.27 -49.99 -12.93
CA THR D 184 10.31 -51.20 -13.75
C THR D 184 9.57 -52.29 -12.98
N ALA D 185 9.10 -53.35 -13.66
CA ALA D 185 8.46 -54.47 -12.98
C ALA D 185 9.41 -55.15 -12.00
N ARG D 186 10.70 -55.21 -12.33
CA ARG D 186 11.73 -55.76 -11.45
C ARG D 186 11.87 -54.96 -10.16
N ALA D 187 11.84 -53.64 -10.27
CA ALA D 187 11.93 -52.73 -9.12
C ALA D 187 10.71 -52.90 -8.25
N TRP D 188 9.54 -52.98 -8.89
CA TRP D 188 8.29 -53.31 -8.21
C TRP D 188 8.43 -54.65 -7.45
N GLU D 189 9.10 -55.61 -8.07
CA GLU D 189 9.30 -56.92 -7.48
C GLU D 189 10.38 -56.92 -6.38
N ARG D 190 11.24 -55.90 -6.37
CA ARG D 190 12.42 -55.88 -5.47
C ARG D 190 12.28 -54.93 -4.25
N HIS D 191 11.10 -54.32 -4.07
CA HIS D 191 10.84 -53.50 -2.88
C HIS D 191 9.55 -53.92 -2.18
N SER D 192 9.33 -53.32 -0.93
CA SER D 192 8.28 -53.81 -0.03
C SER D 192 6.98 -53.00 -0.05
N SER D 193 6.99 -51.89 0.68
CA SER D 193 5.81 -51.04 0.83
C SER D 193 5.86 -49.89 -0.18
N TYR D 194 4.65 -49.47 -0.59
CA TYR D 194 4.53 -48.26 -1.40
C TYR D 194 3.49 -47.33 -0.78
N SER D 195 3.91 -46.05 -0.60
CA SER D 195 3.03 -45.08 0.05
C SER D 195 2.95 -43.77 -0.70
N CYS D 196 1.73 -43.27 -0.78
N CYS D 196 1.72 -43.26 -0.88
CA CYS D 196 1.44 -41.92 -1.26
CA CYS D 196 1.53 -41.88 -1.31
C CYS D 196 0.99 -41.10 -0.05
C CYS D 196 0.96 -41.06 -0.15
N GLN D 197 1.66 -39.97 0.16
CA GLN D 197 1.34 -39.11 1.31
C GLN D 197 0.96 -37.75 0.74
N VAL D 198 -0.26 -37.33 1.04
CA VAL D 198 -0.81 -36.09 0.52
C VAL D 198 -1.00 -35.09 1.66
N THR D 199 -0.22 -34.02 1.64
CA THR D 199 -0.32 -32.99 2.67
C THR D 199 -1.22 -31.87 2.14
N HIS D 200 -2.20 -31.50 2.94
CA HIS D 200 -3.16 -30.48 2.57
C HIS D 200 -3.49 -29.66 3.81
N GLU D 201 -3.08 -28.40 3.76
CA GLU D 201 -3.28 -27.45 4.86
C GLU D 201 -2.74 -28.01 6.17
N GLY D 202 -1.52 -28.55 6.11
CA GLY D 202 -0.80 -28.99 7.31
C GLY D 202 -1.23 -30.33 7.86
N HIS D 203 -2.12 -31.03 7.14
CA HIS D 203 -2.47 -32.39 7.52
C HIS D 203 -2.16 -33.37 6.39
N THR D 204 -1.46 -34.45 6.75
CA THR D 204 -1.03 -35.45 5.80
C THR D 204 -1.99 -36.63 5.82
N VAL D 205 -2.49 -36.99 4.63
CA VAL D 205 -3.28 -38.20 4.44
C VAL D 205 -2.41 -39.18 3.66
N GLU D 206 -2.23 -40.38 4.21
CA GLU D 206 -1.41 -41.43 3.59
C GLU D 206 -2.24 -42.63 3.14
N LYS D 207 -1.99 -43.12 1.92
CA LYS D 207 -2.49 -44.43 1.48
C LYS D 207 -1.31 -45.33 1.14
N SER D 208 -1.42 -46.60 1.49
CA SER D 208 -0.36 -47.58 1.30
C SER D 208 -0.83 -48.91 0.72
N LEU D 209 0.12 -49.64 0.15
CA LEU D 209 -0.09 -51.04 -0.20
C LEU D 209 1.20 -51.86 -0.13
N SER D 210 1.06 -53.19 -0.11
CA SER D 210 2.19 -54.12 -0.20
C SER D 210 1.82 -55.34 -1.03
N PCA E 1 -24.54 -10.43 -19.87
CA PCA E 1 -23.15 -10.24 -19.47
CB PCA E 1 -22.64 -11.47 -18.73
CG PCA E 1 -23.53 -12.61 -19.17
CD PCA E 1 -24.69 -11.88 -19.83
OE PCA E 1 -25.67 -12.49 -20.28
C PCA E 1 -22.26 -10.08 -20.69
O PCA E 1 -22.56 -10.64 -21.74
N ILE E 2 -21.18 -9.32 -20.55
CA ILE E 2 -20.13 -9.35 -21.58
C ILE E 2 -19.38 -10.68 -21.48
N GLN E 3 -19.23 -11.36 -22.60
CA GLN E 3 -18.50 -12.63 -22.69
C GLN E 3 -17.68 -12.67 -23.97
N LEU E 4 -16.45 -13.15 -23.84
CA LEU E 4 -15.62 -13.49 -25.00
C LEU E 4 -15.35 -14.98 -24.92
N VAL E 5 -15.65 -15.68 -26.02
CA VAL E 5 -15.55 -17.13 -26.03
C VAL E 5 -14.66 -17.53 -27.19
N GLN E 6 -13.56 -18.20 -26.87
CA GLN E 6 -12.62 -18.63 -27.91
C GLN E 6 -12.85 -20.07 -28.34
N SER E 7 -12.28 -20.41 -29.49
CA SER E 7 -12.39 -21.76 -30.04
C SER E 7 -11.50 -22.67 -29.20
N GLY E 8 -11.57 -23.97 -29.48
CA GLY E 8 -10.94 -24.99 -28.65
C GLY E 8 -9.44 -25.21 -28.91
N PRO E 9 -8.82 -26.12 -28.13
CA PRO E 9 -7.38 -26.39 -28.22
C PRO E 9 -6.96 -26.86 -29.61
N GLU E 10 -5.76 -26.47 -30.02
CA GLU E 10 -5.25 -26.81 -31.32
C GLU E 10 -3.93 -27.55 -31.17
N VAL E 11 -3.81 -28.67 -31.88
CA VAL E 11 -2.58 -29.45 -31.88
C VAL E 11 -2.12 -29.56 -33.31
N GLN E 12 -0.93 -29.03 -33.58
CA GLN E 12 -0.43 -28.93 -34.93
C GLN E 12 1.04 -29.26 -34.97
N LYS E 13 1.51 -29.57 -36.17
CA LYS E 13 2.92 -29.76 -36.49
C LYS E 13 3.55 -28.42 -36.83
N PRO E 14 4.87 -28.28 -36.58
CA PRO E 14 5.61 -27.12 -37.06
C PRO E 14 5.35 -26.89 -38.54
N GLY E 15 5.22 -25.63 -38.94
CA GLY E 15 5.02 -25.31 -40.35
C GLY E 15 3.57 -25.09 -40.75
N GLU E 16 2.64 -25.63 -39.96
CA GLU E 16 1.21 -25.53 -40.29
C GLU E 16 0.66 -24.15 -39.91
N THR E 17 -0.57 -23.88 -40.34
CA THR E 17 -1.20 -22.58 -40.16
C THR E 17 -2.57 -22.72 -39.49
N VAL E 18 -2.78 -21.93 -38.43
CA VAL E 18 -3.97 -22.04 -37.60
C VAL E 18 -4.69 -20.70 -37.37
N ARG E 19 -5.99 -20.82 -37.06
CA ARG E 19 -6.85 -19.67 -36.79
C ARG E 19 -7.58 -19.90 -35.46
N ILE E 20 -7.52 -18.89 -34.60
CA ILE E 20 -8.21 -18.88 -33.31
C ILE E 20 -9.33 -17.83 -33.37
N SER E 21 -10.55 -18.22 -33.04
CA SER E 21 -11.64 -17.26 -33.00
C SER E 21 -11.93 -16.75 -31.59
N CYS E 22 -12.47 -15.53 -31.54
CA CYS E 22 -12.90 -14.92 -30.30
C CYS E 22 -14.27 -14.30 -30.55
N LYS E 23 -15.30 -14.95 -30.03
CA LYS E 23 -16.68 -14.53 -30.26
C LYS E 23 -17.16 -13.65 -29.10
N ALA E 24 -17.48 -12.39 -29.43
CA ALA E 24 -17.91 -11.40 -28.43
C ALA E 24 -19.43 -11.32 -28.34
N SER E 25 -19.94 -11.30 -27.10
CA SER E 25 -21.36 -11.00 -26.89
C SER E 25 -21.56 -10.10 -25.67
N GLY E 26 -22.75 -9.51 -25.56
CA GLY E 26 -23.10 -8.67 -24.42
C GLY E 26 -22.80 -7.19 -24.60
N TYR E 27 -22.15 -6.85 -25.72
CA TYR E 27 -21.94 -5.45 -26.10
C TYR E 27 -21.79 -5.35 -27.62
N THR E 28 -21.81 -4.12 -28.15
CA THR E 28 -21.57 -3.90 -29.57
C THR E 28 -20.09 -4.02 -29.94
N PHE E 29 -19.78 -5.04 -30.73
CA PHE E 29 -18.42 -5.47 -31.09
C PHE E 29 -17.50 -4.32 -31.53
N THR E 30 -18.05 -3.40 -32.32
CA THR E 30 -17.26 -2.39 -33.00
C THR E 30 -16.94 -1.18 -32.11
N THR E 31 -17.30 -1.25 -30.83
CA THR E 31 -17.17 -0.08 -29.98
C THR E 31 -15.91 -0.10 -29.10
N ALA E 32 -15.17 -1.20 -29.14
CA ALA E 32 -13.93 -1.34 -28.37
C ALA E 32 -12.96 -2.20 -29.12
N GLY E 33 -11.68 -1.87 -29.04
CA GLY E 33 -10.63 -2.65 -29.69
C GLY E 33 -10.43 -4.03 -29.05
N MET E 34 -9.85 -4.96 -29.81
CA MET E 34 -9.60 -6.30 -29.30
C MET E 34 -8.09 -6.56 -29.24
N GLN E 35 -7.58 -6.97 -28.09
CA GLN E 35 -6.15 -7.23 -27.93
C GLN E 35 -5.93 -8.73 -27.94
N TRP E 36 -4.69 -9.15 -28.17
CA TRP E 36 -4.34 -10.57 -28.17
C TRP E 36 -3.08 -10.73 -27.34
N VAL E 37 -3.04 -11.79 -26.53
CA VAL E 37 -1.99 -11.98 -25.53
C VAL E 37 -1.47 -13.42 -25.60
N GLN E 38 -0.17 -13.61 -25.43
CA GLN E 38 0.42 -14.95 -25.39
C GLN E 38 0.90 -15.32 -24.00
N LYS E 39 0.59 -16.53 -23.56
CA LYS E 39 1.20 -17.02 -22.31
C LYS E 39 1.91 -18.36 -22.50
N MET E 40 3.24 -18.34 -22.58
CA MET E 40 4.02 -19.56 -22.77
C MET E 40 4.19 -20.24 -21.41
N PRO E 41 4.32 -21.58 -21.41
CA PRO E 41 4.34 -22.36 -20.17
C PRO E 41 5.37 -21.86 -19.17
N GLY E 42 4.94 -21.64 -17.93
CA GLY E 42 5.84 -21.14 -16.89
C GLY E 42 5.93 -19.63 -16.85
N LYS E 43 6.21 -19.01 -18.00
CA LYS E 43 6.54 -17.57 -18.08
C LYS E 43 5.35 -16.60 -18.15
N SER E 44 5.64 -15.31 -18.18
CA SER E 44 4.57 -14.32 -18.06
C SER E 44 4.05 -13.83 -19.40
N LEU E 45 2.92 -13.16 -19.30
CA LEU E 45 2.14 -12.73 -20.43
C LEU E 45 2.93 -11.79 -21.34
N LYS E 46 2.64 -11.91 -22.64
CA LYS E 46 3.22 -11.05 -23.69
C LYS E 46 2.14 -10.52 -24.60
N TRP E 47 2.20 -9.20 -24.87
CA TRP E 47 1.20 -8.54 -25.71
C TRP E 47 1.50 -8.83 -27.18
N ILE E 48 0.51 -9.36 -27.91
CA ILE E 48 0.66 -9.58 -29.36
C ILE E 48 0.30 -8.35 -30.21
N GLY E 49 -0.70 -7.58 -29.79
CA GLY E 49 -1.09 -6.35 -30.49
C GLY E 49 -2.57 -6.20 -30.32
N TRP E 50 -3.15 -5.22 -31.02
CA TRP E 50 -4.61 -5.07 -31.01
C TRP E 50 -5.15 -4.95 -32.43
N ILE E 51 -6.47 -5.02 -32.54
CA ILE E 51 -7.12 -4.65 -33.80
C ILE E 51 -8.27 -3.70 -33.51
N ASN E 52 -8.38 -2.65 -34.33
CA ASN E 52 -9.50 -1.73 -34.21
C ASN E 52 -10.71 -2.42 -34.84
N THR E 53 -11.77 -2.59 -34.06
CA THR E 53 -12.95 -3.32 -34.54
C THR E 53 -13.86 -2.49 -35.46
N ARG E 54 -13.60 -1.18 -35.50
CA ARG E 54 -14.26 -0.24 -36.42
C ARG E 54 -13.61 -0.24 -37.81
N SER E 55 -12.29 -0.07 -37.82
CA SER E 55 -11.59 0.23 -39.08
C SER E 55 -10.88 -1.00 -39.62
N GLY E 56 -10.68 -1.98 -38.73
CA GLY E 56 -9.96 -3.21 -39.08
C GLY E 56 -8.46 -3.02 -39.08
N VAL E 57 -8.01 -1.84 -38.64
CA VAL E 57 -6.58 -1.52 -38.60
C VAL E 57 -5.94 -2.18 -37.38
N PRO E 58 -4.97 -3.09 -37.62
CA PRO E 58 -4.27 -3.74 -36.52
C PRO E 58 -3.00 -2.99 -36.11
N LYS E 59 -2.54 -3.24 -34.88
CA LYS E 59 -1.24 -2.78 -34.43
C LYS E 59 -0.56 -4.01 -33.88
N TYR E 60 0.67 -4.27 -34.32
CA TYR E 60 1.37 -5.48 -33.87
C TYR E 60 2.60 -5.17 -33.04
N ALA E 61 2.78 -5.92 -31.96
CA ALA E 61 4.03 -5.97 -31.21
C ALA E 61 5.17 -6.39 -32.12
N GLU E 62 6.34 -5.77 -31.93
CA GLU E 62 7.48 -6.02 -32.80
C GLU E 62 7.84 -7.50 -32.90
N ASP E 63 7.73 -8.22 -31.78
CA ASP E 63 8.07 -9.65 -31.72
C ASP E 63 7.14 -10.55 -32.51
N PHE E 64 5.91 -10.10 -32.75
CA PHE E 64 4.93 -10.95 -33.43
C PHE E 64 4.65 -10.61 -34.91
N LYS E 65 5.05 -9.43 -35.34
CA LYS E 65 4.88 -9.01 -36.73
C LYS E 65 5.36 -10.07 -37.72
N GLY E 66 4.52 -10.39 -38.68
CA GLY E 66 4.88 -11.32 -39.76
C GLY E 66 3.98 -12.54 -39.71
N ARG E 67 4.31 -13.49 -38.83
CA ARG E 67 3.57 -14.74 -38.75
C ARG E 67 2.23 -14.63 -38.04
N PHE E 68 2.09 -13.66 -37.13
CA PHE E 68 0.84 -13.45 -36.38
C PHE E 68 0.04 -12.37 -37.07
N ALA E 69 -1.26 -12.61 -37.23
CA ALA E 69 -2.11 -11.66 -37.93
C ALA E 69 -3.49 -11.64 -37.32
N PHE E 70 -4.18 -10.51 -37.45
CA PHE E 70 -5.51 -10.39 -36.86
C PHE E 70 -6.49 -10.15 -37.99
N SER E 71 -7.71 -10.62 -37.83
CA SER E 71 -8.79 -10.24 -38.76
C SER E 71 -10.13 -10.20 -38.03
N LEU E 72 -11.16 -9.76 -38.73
CA LEU E 72 -12.47 -9.59 -38.13
C LEU E 72 -13.56 -10.28 -38.94
N GLU E 73 -14.60 -10.75 -38.26
CA GLU E 73 -15.88 -11.01 -38.89
C GLU E 73 -16.90 -10.19 -38.10
N THR E 74 -17.07 -8.93 -38.52
CA THR E 74 -17.82 -7.97 -37.72
C THR E 74 -19.31 -8.31 -37.57
N SER E 75 -19.95 -8.74 -38.66
CA SER E 75 -21.37 -9.09 -38.62
C SER E 75 -21.66 -10.23 -37.66
N ALA E 76 -20.63 -11.03 -37.36
CA ALA E 76 -20.74 -12.18 -36.45
C ALA E 76 -20.18 -11.88 -35.06
N SER E 77 -19.61 -10.69 -34.89
CA SER E 77 -18.97 -10.26 -33.65
C SER E 77 -17.79 -11.17 -33.28
N ILE E 78 -17.04 -11.57 -34.30
CA ILE E 78 -15.88 -12.44 -34.10
C ILE E 78 -14.57 -11.76 -34.48
N ALA E 79 -13.57 -11.91 -33.63
CA ALA E 79 -12.19 -11.49 -33.92
C ALA E 79 -11.35 -12.75 -34.08
N TYR E 80 -10.40 -12.71 -35.02
CA TYR E 80 -9.56 -13.88 -35.30
C TYR E 80 -8.09 -13.60 -35.10
N LEU E 81 -7.38 -14.60 -34.58
CA LEU E 81 -5.92 -14.60 -34.54
C LEU E 81 -5.40 -15.72 -35.45
N HIS E 82 -4.54 -15.31 -36.38
CA HIS E 82 -3.88 -16.20 -37.35
C HIS E 82 -2.40 -16.39 -36.95
N ILE E 83 -1.97 -17.64 -36.78
CA ILE E 83 -0.55 -17.92 -36.55
C ILE E 83 -0.15 -18.78 -37.73
N ASN E 84 0.70 -18.20 -38.57
CA ASN E 84 1.15 -18.85 -39.80
C ASN E 84 2.50 -19.50 -39.59
N ASN E 85 2.70 -20.62 -40.30
CA ASN E 85 3.98 -21.32 -40.29
C ASN E 85 4.50 -21.56 -38.88
N LEU E 86 3.77 -22.38 -38.13
CA LEU E 86 4.00 -22.56 -36.70
C LEU E 86 5.41 -23.07 -36.37
N LYS E 87 5.94 -22.63 -35.24
CA LYS E 87 7.22 -23.10 -34.72
C LYS E 87 6.95 -23.70 -33.33
N ASN E 88 7.88 -24.51 -32.81
CA ASN E 88 7.66 -25.09 -31.49
C ASN E 88 7.50 -24.08 -30.36
N GLU E 89 8.23 -22.96 -30.45
CA GLU E 89 8.12 -21.88 -29.45
C GLU E 89 6.75 -21.18 -29.44
N ASP E 90 5.93 -21.43 -30.45
CA ASP E 90 4.58 -20.89 -30.46
C ASP E 90 3.64 -21.62 -29.48
N THR E 91 4.11 -22.71 -28.90
CA THR E 91 3.34 -23.47 -27.90
C THR E 91 2.98 -22.60 -26.68
N ALA E 92 1.70 -22.28 -26.52
CA ALA E 92 1.30 -21.34 -25.51
C ALA E 92 -0.21 -21.33 -25.40
N THR E 93 -0.70 -20.67 -24.36
CA THR E 93 -2.10 -20.31 -24.36
C THR E 93 -2.23 -18.87 -24.88
N TYR E 94 -3.18 -18.69 -25.79
CA TYR E 94 -3.45 -17.40 -26.41
C TYR E 94 -4.80 -16.91 -25.94
N PHE E 95 -4.86 -15.62 -25.61
CA PHE E 95 -6.07 -15.00 -25.10
C PHE E 95 -6.43 -13.80 -25.96
N CYS E 96 -7.73 -13.61 -26.13
CA CYS E 96 -8.25 -12.35 -26.62
C CYS E 96 -8.71 -11.58 -25.38
N ALA E 97 -8.56 -10.26 -25.40
CA ALA E 97 -8.96 -9.38 -24.29
C ALA E 97 -9.35 -8.01 -24.83
N ARG E 98 -10.55 -7.56 -24.49
CA ARG E 98 -11.12 -6.33 -25.01
C ARG E 98 -10.61 -5.10 -24.27
N GLU E 99 -10.37 -4.03 -25.03
CA GLU E 99 -10.05 -2.70 -24.49
C GLU E 99 -11.18 -2.19 -23.58
N GLY E 100 -10.87 -1.31 -22.64
CA GLY E 100 -9.54 -0.76 -22.44
C GLY E 100 -9.59 0.50 -21.60
N PRO E 101 -8.46 1.24 -21.51
CA PRO E 101 -7.18 0.94 -22.11
C PRO E 101 -6.61 -0.28 -21.41
N GLY E 102 -6.12 -1.23 -22.20
CA GLY E 102 -5.53 -2.44 -21.65
C GLY E 102 -6.41 -3.66 -21.88
N PHE E 103 -6.55 -4.47 -20.84
CA PHE E 103 -7.06 -5.82 -21.00
C PHE E 103 -8.19 -6.02 -20.00
N VAL E 104 -9.41 -5.73 -20.43
CA VAL E 104 -10.53 -5.62 -19.47
C VAL E 104 -11.39 -6.89 -19.41
N TYR E 105 -11.84 -7.36 -20.58
CA TYR E 105 -12.72 -8.52 -20.65
C TYR E 105 -11.99 -9.61 -21.43
N TRP E 106 -11.76 -10.76 -20.79
CA TRP E 106 -10.88 -11.76 -21.38
C TRP E 106 -11.62 -12.99 -21.88
N GLY E 107 -11.13 -13.55 -22.99
CA GLY E 107 -11.58 -14.87 -23.41
C GLY E 107 -11.00 -15.91 -22.47
N GLN E 108 -11.43 -17.16 -22.60
CA GLN E 108 -11.01 -18.19 -21.66
C GLN E 108 -9.63 -18.77 -22.00
N GLY E 109 -9.05 -18.30 -23.12
CA GLY E 109 -7.81 -18.84 -23.62
C GLY E 109 -7.96 -20.05 -24.54
N THR E 110 -7.02 -20.17 -25.48
CA THR E 110 -6.91 -21.29 -26.42
C THR E 110 -5.49 -21.84 -26.41
N LEU E 111 -5.32 -23.11 -26.04
CA LEU E 111 -4.01 -23.75 -26.03
C LEU E 111 -3.62 -24.16 -27.45
N VAL E 112 -2.41 -23.80 -27.85
CA VAL E 112 -1.84 -24.26 -29.11
C VAL E 112 -0.57 -25.03 -28.74
N THR E 113 -0.53 -26.31 -29.10
CA THR E 113 0.64 -27.16 -28.92
C THR E 113 1.22 -27.47 -30.29
N VAL E 114 2.52 -27.19 -30.44
CA VAL E 114 3.22 -27.44 -31.69
C VAL E 114 4.27 -28.52 -31.43
N SER E 115 4.14 -29.64 -32.11
CA SER E 115 5.06 -30.75 -31.92
C SER E 115 5.11 -31.59 -33.18
N ALA E 116 6.29 -32.13 -33.48
CA ALA E 116 6.47 -33.07 -34.58
C ALA E 116 6.50 -34.52 -34.09
N ALA E 117 6.11 -34.78 -32.85
CA ALA E 117 6.13 -36.14 -32.32
C ALA E 117 5.19 -37.04 -33.12
N LYS E 118 5.53 -38.32 -33.17
CA LYS E 118 4.76 -39.35 -33.87
C LYS E 118 3.44 -39.61 -33.17
N THR E 119 2.36 -39.69 -33.94
CA THR E 119 1.07 -40.10 -33.38
C THR E 119 1.23 -41.52 -32.81
N THR E 120 0.82 -41.70 -31.56
CA THR E 120 1.00 -42.94 -30.80
C THR E 120 -0.28 -43.23 -30.02
N PRO E 121 -0.92 -44.40 -30.24
CA PRO E 121 -2.11 -44.73 -29.48
C PRO E 121 -1.78 -45.09 -28.02
N PRO E 122 -2.72 -44.89 -27.08
CA PRO E 122 -2.49 -45.23 -25.68
C PRO E 122 -2.53 -46.73 -25.42
N SER E 123 -1.79 -47.17 -24.40
CA SER E 123 -2.09 -48.45 -23.77
C SER E 123 -3.02 -48.12 -22.63
N VAL E 124 -4.07 -48.92 -22.43
CA VAL E 124 -5.05 -48.60 -21.41
C VAL E 124 -5.05 -49.73 -20.38
N TYR E 125 -4.80 -49.36 -19.12
CA TYR E 125 -4.57 -50.36 -18.08
C TYR E 125 -5.60 -50.21 -16.99
N PRO E 126 -6.19 -51.33 -16.56
CA PRO E 126 -7.22 -51.21 -15.52
C PRO E 126 -6.65 -50.94 -14.11
N LEU E 127 -7.33 -50.08 -13.36
CA LEU E 127 -6.95 -49.76 -11.99
C LEU E 127 -7.99 -50.30 -11.03
N ALA E 128 -7.70 -51.47 -10.47
CA ALA E 128 -8.60 -52.11 -9.52
C ALA E 128 -8.09 -51.90 -8.10
N PRO E 129 -8.99 -51.80 -7.10
CA PRO E 129 -8.60 -51.53 -5.71
C PRO E 129 -7.63 -52.57 -5.15
N SER E 137 -20.83 -48.54 1.61
CA SER E 137 -19.41 -48.32 1.31
C SER E 137 -19.21 -48.15 -0.19
N MET E 138 -18.35 -47.19 -0.55
CA MET E 138 -18.08 -46.89 -1.96
C MET E 138 -16.75 -47.48 -2.39
N VAL E 139 -16.63 -47.80 -3.68
CA VAL E 139 -15.37 -48.28 -4.23
C VAL E 139 -14.97 -47.41 -5.42
N THR E 140 -13.68 -47.14 -5.51
CA THR E 140 -13.15 -46.32 -6.61
C THR E 140 -12.35 -47.18 -7.55
N LEU E 141 -12.70 -47.10 -8.83
CA LEU E 141 -11.99 -47.84 -9.87
C LEU E 141 -11.33 -46.82 -10.79
N GLY E 142 -10.44 -47.29 -11.64
CA GLY E 142 -9.84 -46.39 -12.57
C GLY E 142 -9.27 -47.03 -13.80
N CYS E 143 -8.80 -46.16 -14.70
N CYS E 143 -8.77 -46.20 -14.72
N CYS E 143 -8.81 -46.20 -14.73
CA CYS E 143 -8.09 -46.58 -15.90
CA CYS E 143 -8.07 -46.72 -15.88
CA CYS E 143 -8.02 -46.68 -15.83
C CYS E 143 -6.89 -45.68 -16.08
C CYS E 143 -6.99 -45.75 -16.35
C CYS E 143 -6.91 -45.70 -16.14
N LEU E 144 -5.78 -46.28 -16.48
CA LEU E 144 -4.57 -45.53 -16.77
C LEU E 144 -4.39 -45.53 -18.27
N VAL E 145 -4.26 -44.33 -18.83
CA VAL E 145 -4.24 -44.15 -20.28
C VAL E 145 -2.83 -43.65 -20.54
N LYS E 146 -2.01 -44.59 -20.99
CA LYS E 146 -0.58 -44.41 -20.93
C LYS E 146 0.07 -44.30 -22.31
N GLY E 147 0.86 -43.25 -22.48
CA GLY E 147 1.83 -43.21 -23.56
C GLY E 147 1.24 -42.91 -24.93
N TYR E 148 0.45 -41.85 -25.00
CA TYR E 148 -0.18 -41.50 -26.27
C TYR E 148 0.26 -40.11 -26.73
N PHE E 149 0.06 -39.87 -28.02
CA PHE E 149 0.28 -38.56 -28.61
C PHE E 149 -0.52 -38.45 -29.91
N PRO E 150 -1.13 -37.28 -30.20
CA PRO E 150 -1.28 -36.11 -29.34
C PRO E 150 -2.51 -36.18 -28.44
N GLU E 151 -2.73 -35.11 -27.68
CA GLU E 151 -3.99 -34.93 -27.00
C GLU E 151 -5.08 -34.64 -28.04
N PRO E 152 -6.35 -34.90 -27.72
CA PRO E 152 -6.83 -35.49 -26.49
C PRO E 152 -7.21 -36.97 -26.62
N VAL E 153 -7.54 -37.56 -25.49
CA VAL E 153 -8.26 -38.84 -25.43
C VAL E 153 -9.60 -38.48 -24.81
N THR E 154 -10.61 -39.32 -25.06
CA THR E 154 -11.92 -39.18 -24.45
C THR E 154 -12.08 -40.42 -23.57
N VAL E 155 -12.61 -40.22 -22.37
CA VAL E 155 -12.83 -41.32 -21.44
C VAL E 155 -14.27 -41.27 -20.96
N THR E 156 -14.99 -42.37 -21.15
CA THR E 156 -16.31 -42.50 -20.53
C THR E 156 -16.33 -43.81 -19.75
N TRP E 157 -17.31 -43.94 -18.88
CA TRP E 157 -17.51 -45.16 -18.10
C TRP E 157 -18.85 -45.78 -18.42
N ASN E 158 -18.81 -47.04 -18.87
CA ASN E 158 -20.01 -47.75 -19.32
C ASN E 158 -20.79 -47.02 -20.41
N SER E 159 -20.06 -46.51 -21.40
CA SER E 159 -20.62 -45.78 -22.55
C SER E 159 -21.40 -44.54 -22.09
N GLY E 160 -20.87 -43.85 -21.08
CA GLY E 160 -21.50 -42.66 -20.55
C GLY E 160 -22.47 -42.89 -19.40
N SER E 161 -22.96 -44.13 -19.28
CA SER E 161 -23.92 -44.53 -18.23
C SER E 161 -23.54 -44.14 -16.80
N LEU E 162 -22.23 -44.10 -16.52
CA LEU E 162 -21.72 -43.65 -15.23
C LEU E 162 -21.10 -42.28 -15.43
N SER E 163 -21.72 -41.23 -14.88
CA SER E 163 -21.14 -39.89 -14.97
C SER E 163 -20.96 -39.26 -13.59
N SER E 164 -21.85 -39.61 -12.68
CA SER E 164 -21.67 -39.28 -11.27
C SER E 164 -20.44 -40.00 -10.75
N GLY E 165 -19.60 -39.26 -10.02
CA GLY E 165 -18.40 -39.83 -9.42
C GLY E 165 -17.25 -40.11 -10.36
N VAL E 166 -17.27 -39.54 -11.57
CA VAL E 166 -16.17 -39.66 -12.53
C VAL E 166 -15.19 -38.49 -12.42
N HIS E 167 -13.90 -38.81 -12.33
CA HIS E 167 -12.88 -37.78 -12.36
C HIS E 167 -11.84 -38.13 -13.40
N THR E 168 -11.66 -37.25 -14.38
CA THR E 168 -10.59 -37.42 -15.37
C THR E 168 -9.52 -36.36 -15.15
N PHE E 169 -8.31 -36.84 -14.86
CA PHE E 169 -7.23 -36.01 -14.36
C PHE E 169 -6.42 -35.42 -15.52
N PRO E 170 -5.71 -34.30 -15.27
CA PRO E 170 -4.90 -33.70 -16.33
C PRO E 170 -3.77 -34.64 -16.76
N ALA E 171 -3.40 -34.57 -18.03
CA ALA E 171 -2.32 -35.39 -18.56
C ALA E 171 -0.95 -34.90 -18.09
N VAL E 172 -0.04 -35.85 -17.87
CA VAL E 172 1.38 -35.56 -17.68
C VAL E 172 2.11 -35.84 -19.00
N LEU E 173 3.19 -35.12 -19.25
CA LEU E 173 3.90 -35.27 -20.51
C LEU E 173 5.34 -35.67 -20.20
N GLN E 174 5.76 -36.79 -20.75
CA GLN E 174 7.10 -37.32 -20.49
C GLN E 174 7.64 -37.92 -21.78
N SER E 175 8.80 -37.46 -22.22
CA SER E 175 9.45 -37.98 -23.42
C SER E 175 8.52 -38.00 -24.62
N ASP E 176 7.91 -36.85 -24.91
CA ASP E 176 7.00 -36.65 -26.03
C ASP E 176 5.63 -37.33 -25.90
N LEU E 177 5.39 -38.06 -24.81
CA LEU E 177 4.17 -38.85 -24.66
C LEU E 177 3.35 -38.49 -23.44
N TYR E 178 2.03 -38.49 -23.60
CA TYR E 178 1.11 -38.16 -22.53
C TYR E 178 0.62 -39.41 -21.83
N THR E 179 0.32 -39.21 -20.55
CA THR E 179 -0.38 -40.18 -19.71
C THR E 179 -1.42 -39.41 -18.89
N LEU E 180 -2.62 -39.97 -18.80
CA LEU E 180 -3.60 -39.50 -17.85
C LEU E 180 -4.34 -40.66 -17.21
N SER E 181 -5.12 -40.37 -16.18
CA SER E 181 -5.91 -41.40 -15.54
C SER E 181 -7.32 -40.90 -15.39
N SER E 182 -8.25 -41.84 -15.24
CA SER E 182 -9.64 -41.46 -14.96
C SER E 182 -10.10 -42.40 -13.86
N SER E 183 -10.89 -41.90 -12.93
CA SER E 183 -11.45 -42.79 -11.92
C SER E 183 -12.96 -42.65 -11.91
N VAL E 184 -13.62 -43.68 -11.38
CA VAL E 184 -15.07 -43.66 -11.13
C VAL E 184 -15.36 -44.24 -9.74
N THR E 185 -16.23 -43.57 -8.99
CA THR E 185 -16.59 -44.05 -7.68
C THR E 185 -18.03 -44.57 -7.72
N VAL E 186 -18.18 -45.81 -7.31
CA VAL E 186 -19.45 -46.52 -7.44
C VAL E 186 -19.81 -47.09 -6.07
N PRO E 187 -21.12 -47.22 -5.78
CA PRO E 187 -21.40 -47.99 -4.58
C PRO E 187 -20.88 -49.40 -4.79
N SER E 188 -20.51 -50.06 -3.70
CA SER E 188 -20.09 -51.47 -3.74
C SER E 188 -21.18 -52.37 -4.33
N SER E 189 -22.43 -51.87 -4.36
CA SER E 189 -23.56 -52.56 -4.99
C SER E 189 -23.47 -52.59 -6.52
N THR E 190 -22.63 -51.72 -7.08
CA THR E 190 -22.45 -51.63 -8.53
C THR E 190 -21.35 -52.58 -9.01
N TRP E 191 -20.27 -52.70 -8.23
CA TRP E 191 -19.09 -53.43 -8.64
C TRP E 191 -18.53 -54.32 -7.52
N PRO E 192 -18.15 -55.58 -7.84
CA PRO E 192 -18.09 -56.18 -9.18
C PRO E 192 -19.39 -56.86 -9.66
N SER E 193 -20.51 -56.54 -9.04
CA SER E 193 -21.81 -57.11 -9.41
C SER E 193 -22.19 -56.81 -10.86
N GLU E 194 -22.00 -55.56 -11.27
CA GLU E 194 -22.16 -55.15 -12.67
C GLU E 194 -20.76 -55.09 -13.27
N THR E 195 -20.70 -55.22 -14.58
CA THR E 195 -19.46 -54.94 -15.30
C THR E 195 -19.25 -53.42 -15.32
N VAL E 196 -18.01 -53.00 -15.05
CA VAL E 196 -17.64 -51.60 -15.16
C VAL E 196 -16.49 -51.51 -16.17
N THR E 197 -16.68 -50.68 -17.17
CA THR E 197 -15.76 -50.61 -18.30
C THR E 197 -15.36 -49.17 -18.56
N CYS E 198 -14.06 -48.91 -18.67
N CYS E 198 -14.06 -48.96 -18.78
N CYS E 198 -14.06 -48.95 -18.77
CA CYS E 198 -13.71 -47.60 -19.16
CA CYS E 198 -13.46 -47.67 -19.14
CA CYS E 198 -13.48 -47.65 -19.14
C CYS E 198 -13.61 -47.71 -20.66
C CYS E 198 -13.34 -47.53 -20.66
C CYS E 198 -13.35 -47.53 -20.67
N ASN E 199 -14.18 -46.70 -21.28
CA ASN E 199 -14.22 -46.57 -22.75
C ASN E 199 -13.31 -45.43 -23.16
N VAL E 200 -12.15 -45.77 -23.71
CA VAL E 200 -11.14 -44.77 -24.04
C VAL E 200 -11.03 -44.66 -25.57
N ALA E 201 -11.05 -43.44 -26.09
CA ALA E 201 -10.89 -43.25 -27.54
C ALA E 201 -9.72 -42.31 -27.78
N HIS E 202 -8.94 -42.57 -28.82
CA HIS E 202 -7.88 -41.65 -29.18
C HIS E 202 -8.12 -41.28 -30.63
N PRO E 203 -8.82 -40.16 -30.87
CA PRO E 203 -9.23 -39.81 -32.23
C PRO E 203 -8.05 -39.77 -33.19
N ALA E 204 -6.94 -39.17 -32.79
CA ALA E 204 -5.78 -38.98 -33.68
C ALA E 204 -5.20 -40.28 -34.24
N SER E 205 -5.35 -41.38 -33.50
CA SER E 205 -4.88 -42.67 -33.98
C SER E 205 -6.03 -43.59 -34.39
N SER E 206 -7.27 -43.10 -34.33
CA SER E 206 -8.46 -43.88 -34.70
C SER E 206 -8.50 -45.20 -33.94
N THR E 207 -8.21 -45.11 -32.63
CA THR E 207 -8.17 -46.29 -31.79
C THR E 207 -9.13 -46.10 -30.63
N LYS E 208 -9.75 -47.19 -30.20
CA LYS E 208 -10.47 -47.21 -28.94
C LYS E 208 -10.21 -48.47 -28.15
N VAL E 209 -10.34 -48.35 -26.83
CA VAL E 209 -10.19 -49.50 -25.94
C VAL E 209 -11.37 -49.51 -24.98
N ASP E 210 -12.03 -50.66 -24.84
CA ASP E 210 -13.14 -50.80 -23.89
C ASP E 210 -12.73 -51.76 -22.77
N LYS E 211 -12.06 -51.22 -21.75
CA LYS E 211 -11.39 -52.05 -20.76
C LYS E 211 -12.27 -52.34 -19.55
N LYS E 212 -12.69 -53.59 -19.42
CA LYS E 212 -13.46 -54.06 -18.26
C LYS E 212 -12.53 -54.06 -17.05
N ILE E 213 -13.01 -53.53 -15.93
CA ILE E 213 -12.26 -53.56 -14.67
C ILE E 213 -12.66 -54.80 -13.90
N VAL E 214 -11.73 -55.74 -13.77
CA VAL E 214 -11.94 -56.97 -12.98
C VAL E 214 -11.17 -56.87 -11.67
N PRO E 215 -11.63 -57.54 -10.60
CA PRO E 215 -10.98 -57.40 -9.30
C PRO E 215 -9.56 -57.98 -9.23
N PRO F 1 -2.83 13.36 -18.47
CA PRO F 1 -1.56 12.69 -18.73
C PRO F 1 -1.06 12.94 -20.16
N ARG F 2 -0.84 11.86 -20.90
CA ARG F 2 -0.56 11.87 -22.34
C ARG F 2 -1.37 10.71 -22.91
N GLY F 3 -2.01 10.94 -24.04
CA GLY F 3 -3.05 10.04 -24.55
C GLY F 3 -2.73 8.57 -24.74
N TYR F 4 -3.76 7.74 -24.75
CA TYR F 4 -3.63 6.35 -25.17
C TYR F 4 -4.22 6.18 -26.56
N PRO F 5 -3.42 5.68 -27.52
CA PRO F 5 -3.80 5.53 -28.94
C PRO F 5 -4.76 4.39 -29.34
N GLY F 6 -5.05 3.47 -28.42
CA GLY F 6 -5.92 2.33 -28.69
C GLY F 6 -7.39 2.70 -28.82
N GLN F 7 -8.20 1.71 -29.19
CA GLN F 7 -9.64 1.93 -29.41
C GLN F 7 -10.43 1.68 -28.12
N VAL F 8 -10.67 2.76 -27.37
CA VAL F 8 -11.32 2.67 -26.06
C VAL F 8 -12.65 3.40 -26.09
C1 GOL G . 16.92 14.30 30.39
O1 GOL G . 17.45 15.55 30.71
C2 GOL G . 17.57 13.42 31.44
O2 GOL G . 18.44 12.57 30.72
C3 GOL G . 16.44 12.67 32.11
O3 GOL G . 16.30 12.98 33.46
C1 GOL H . -0.63 -26.76 1.52
O1 GOL H . -1.98 -27.15 1.43
C2 GOL H . 0.28 -27.98 1.63
O2 GOL H . 1.17 -28.01 0.53
C3 GOL H . 1.08 -27.91 2.93
O3 GOL H . 0.23 -28.15 4.03
C1 GOL I . -3.88 -53.48 -22.27
O1 GOL I . -4.60 -53.46 -21.05
C2 GOL I . -4.80 -53.60 -23.50
O2 GOL I . -5.78 -54.60 -23.28
C3 GOL I . -5.48 -52.26 -23.81
O3 GOL I . -4.57 -51.26 -24.19
#